data_9FIF
#
_entry.id   9FIF
#
_cell.length_a   63.399
_cell.length_b   116.035
_cell.length_c   189.720
_cell.angle_alpha   90.000
_cell.angle_beta   90.000
_cell.angle_gamma   90.000
#
_symmetry.space_group_name_H-M   'P 21 21 21'
#
loop_
_entity.id
_entity.type
_entity.pdbx_description
1 polymer 'NADH-quinone oxidoreductase subunit E'
2 polymer 'NADH-quinone oxidoreductase subunit F'
3 non-polymer 'FE2/S2 (INORGANIC) CLUSTER'
4 non-polymer 'SULFATE ION'
5 non-polymer 'IRON/SULFUR CLUSTER'
6 non-polymer 'FLAVIN MONONUCLEOTIDE'
7 non-polymer '1,4-DIHYDRONICOTINAMIDE ADENINE DINUCLEOTIDE'
8 non-polymer GLYCEROL
9 non-polymer 'SODIUM ION'
10 non-polymer '3[N-MORPHOLINO]PROPANE SULFONIC ACID'
11 water water
#
loop_
_entity_poly.entity_id
_entity_poly.type
_entity_poly.pdbx_seq_one_letter_code
_entity_poly.pdbx_strand_id
1 'polypeptide(L)'
;MFKTEFEFPEELKTKLQEHINYFPKKRQAILLCLHEIQNYYGYIPPESLKPLADMLELPLNHVEGVVAFYDMFDREDKAK
YRIRVCVSIVCHLMGTNKLLKALENILGIKPGEVTPDGKFKIVPVQCLGACSEAPVFMVNDDEYKFESEVQLNEILSRYT
;
A,C
2 'polypeptide(L)'
;MRSYPAIPRIYAETTLNMLLKRAKKPRVHSIDEYLKDGGYQALEKALNMSPEEIIDWVDKSTLRGRGGAGFPTGKKWKFA
VQNPGPRYFICNADESEPGTFKDRIIIERDPHLLIEGIIISSYAIGANEAYIYIRGEYPAGYYILRDAIEEAKKKGFLGK
NILGSGFDLEIYVARGAGAYICGEETALIESLEGKRGHPRLKPPYPVQKGLWGKPTVVNNVETIANVRFIISMGWEEYRY
IGPSDYAGPKLFPVSGKVKKPGVYELPMNTTLREVIFKYAGGTLGNKKVKAVFSGALDCFSSEELDIPMDYSPLGFGGTG
TVIVLTEEDDIVEAALKIAEFYEHETCGQCTPCRVGCYEQANLLEKIYKGEATEQDWEGFDFVNRNIQPTSICGLGAVAG
RLIRQTLEKFPEEWEKYRKKSASLPLAGHHHHHH
;
B,D
#
loop_
_chem_comp.id
_chem_comp.type
_chem_comp.name
_chem_comp.formula
FES non-polymer 'FE2/S2 (INORGANIC) CLUSTER' 'Fe2 S2'
FMN non-polymer 'FLAVIN MONONUCLEOTIDE' 'C17 H21 N4 O9 P'
GOL non-polymer GLYCEROL 'C3 H8 O3'
MPO non-polymer '3[N-MORPHOLINO]PROPANE SULFONIC ACID' 'C7 H15 N O4 S'
NA non-polymer 'SODIUM ION' 'Na 1'
NAI non-polymer '1,4-DIHYDRONICOTINAMIDE ADENINE DINUCLEOTIDE' 'C21 H29 N7 O14 P2'
SF4 non-polymer 'IRON/SULFUR CLUSTER' 'Fe4 S4'
SO4 non-polymer 'SULFATE ION' 'O4 S -2'
#
# COMPACT_ATOMS: atom_id res chain seq x y z
N GLU A 5 -51.08 -12.38 -15.21
CA GLU A 5 -51.08 -11.06 -15.90
C GLU A 5 -49.65 -10.51 -15.95
N PHE A 6 -48.95 -10.50 -14.81
CA PHE A 6 -47.53 -10.19 -14.79
C PHE A 6 -46.73 -11.42 -15.20
N GLU A 7 -45.69 -11.22 -16.02
CA GLU A 7 -44.88 -12.31 -16.53
C GLU A 7 -43.43 -11.87 -16.63
N PHE A 8 -42.51 -12.78 -16.26
CA PHE A 8 -41.09 -12.51 -16.33
C PHE A 8 -40.65 -12.40 -17.79
N PRO A 9 -39.83 -11.40 -18.15
CA PRO A 9 -39.14 -11.40 -19.45
C PRO A 9 -38.39 -12.72 -19.59
N GLU A 10 -38.28 -13.23 -20.82
CA GLU A 10 -37.76 -14.56 -21.06
C GLU A 10 -36.34 -14.68 -20.54
N GLU A 11 -35.51 -13.64 -20.72
CA GLU A 11 -34.12 -13.70 -20.32
C GLU A 11 -34.01 -13.85 -18.80
N LEU A 12 -34.92 -13.21 -18.07
CA LEU A 12 -34.93 -13.30 -16.63
C LEU A 12 -35.47 -14.67 -16.21
N LYS A 13 -36.56 -15.11 -16.87
CA LYS A 13 -37.14 -16.41 -16.61
C LYS A 13 -36.09 -17.51 -16.78
N THR A 14 -35.27 -17.40 -17.83
CA THR A 14 -34.21 -18.34 -18.10
C THR A 14 -33.27 -18.40 -16.89
N LYS A 15 -32.89 -17.23 -16.36
CA LYS A 15 -31.93 -17.19 -15.26
C LYS A 15 -32.55 -17.77 -13.98
N LEU A 16 -33.82 -17.47 -13.71
CA LEU A 16 -34.54 -18.05 -12.57
C LEU A 16 -34.57 -19.58 -12.69
N GLN A 17 -34.77 -20.09 -13.90
CA GLN A 17 -34.83 -21.52 -14.14
C GLN A 17 -33.48 -22.18 -13.85
N GLU A 18 -32.37 -21.51 -14.20
CA GLU A 18 -31.02 -22.00 -13.88
C GLU A 18 -30.89 -22.20 -12.38
N HIS A 19 -31.30 -21.19 -11.60
CA HIS A 19 -31.21 -21.27 -10.16
C HIS A 19 -32.06 -22.44 -9.65
N ILE A 20 -33.29 -22.53 -10.12
CA ILE A 20 -34.22 -23.56 -9.67
C ILE A 20 -33.69 -24.96 -10.00
N ASN A 21 -32.94 -25.09 -11.10
CA ASN A 21 -32.39 -26.37 -11.51
C ASN A 21 -31.06 -26.69 -10.80
N TYR A 22 -30.50 -25.71 -10.09
CA TYR A 22 -29.14 -25.82 -9.55
C TYR A 22 -29.09 -26.72 -8.33
N PHE A 23 -29.97 -26.48 -7.34
CA PHE A 23 -29.98 -27.27 -6.11
C PHE A 23 -30.77 -28.56 -6.34
N PRO A 24 -30.59 -29.60 -5.48
CA PRO A 24 -31.40 -30.82 -5.59
C PRO A 24 -32.91 -30.58 -5.54
N LYS A 25 -33.37 -29.65 -4.69
CA LYS A 25 -34.80 -29.36 -4.61
C LYS A 25 -35.06 -27.92 -5.06
N LYS A 26 -36.18 -27.71 -5.74
CA LYS A 26 -36.48 -26.42 -6.34
C LYS A 26 -36.53 -25.31 -5.29
N ARG A 27 -37.13 -25.62 -4.13
CA ARG A 27 -37.45 -24.60 -3.14
C ARG A 27 -36.17 -24.03 -2.52
N GLN A 28 -35.05 -24.75 -2.67
CA GLN A 28 -33.80 -24.28 -2.12
C GLN A 28 -33.31 -23.03 -2.86
N ALA A 29 -33.84 -22.77 -4.06
CA ALA A 29 -33.38 -21.67 -4.90
C ALA A 29 -34.06 -20.33 -4.60
N ILE A 30 -34.90 -20.25 -3.56
CA ILE A 30 -35.75 -19.10 -3.35
C ILE A 30 -34.94 -17.80 -3.18
N LEU A 31 -33.87 -17.81 -2.38
CA LEU A 31 -33.08 -16.60 -2.16
C LEU A 31 -32.30 -16.19 -3.42
N LEU A 32 -31.70 -17.16 -4.15
CA LEU A 32 -31.01 -16.83 -5.38
C LEU A 32 -31.97 -16.20 -6.37
N CYS A 33 -33.19 -16.73 -6.45
CA CYS A 33 -34.22 -16.19 -7.33
C CYS A 33 -34.57 -14.75 -6.95
N LEU A 34 -34.79 -14.50 -5.65
CA LEU A 34 -35.16 -13.16 -5.19
C LEU A 34 -34.03 -12.16 -5.43
N HIS A 35 -32.77 -12.57 -5.24
CA HIS A 35 -31.63 -11.73 -5.58
C HIS A 35 -31.66 -11.37 -7.07
N GLU A 36 -31.96 -12.36 -7.92
CA GLU A 36 -31.97 -12.19 -9.36
C GLU A 36 -33.05 -11.18 -9.76
N ILE A 37 -34.25 -11.35 -9.18
CA ILE A 37 -35.37 -10.45 -9.45
C ILE A 37 -35.02 -9.02 -9.04
N GLN A 38 -34.45 -8.85 -7.83
CA GLN A 38 -34.10 -7.54 -7.33
C GLN A 38 -33.03 -6.90 -8.23
N ASN A 39 -32.08 -7.71 -8.69
CA ASN A 39 -31.04 -7.22 -9.58
C ASN A 39 -31.67 -6.69 -10.86
N TYR A 40 -32.70 -7.40 -11.36
CA TYR A 40 -33.26 -7.12 -12.67
C TYR A 40 -34.13 -5.86 -12.65
N TYR A 41 -34.92 -5.70 -11.57
CA TYR A 41 -35.93 -4.66 -11.51
C TYR A 41 -35.49 -3.43 -10.70
N GLY A 42 -34.50 -3.60 -9.82
CA GLY A 42 -34.08 -2.56 -8.90
C GLY A 42 -34.85 -2.60 -7.59
N TYR A 43 -35.70 -3.62 -7.43
CA TYR A 43 -36.50 -3.88 -6.24
C TYR A 43 -37.22 -5.22 -6.47
N ILE A 44 -38.00 -5.69 -5.49
CA ILE A 44 -38.84 -6.86 -5.67
C ILE A 44 -40.25 -6.40 -5.98
N PRO A 45 -40.73 -6.49 -7.24
CA PRO A 45 -42.12 -6.14 -7.54
C PRO A 45 -43.07 -7.09 -6.81
N PRO A 46 -44.05 -6.58 -6.01
CA PRO A 46 -45.10 -7.43 -5.42
C PRO A 46 -45.74 -8.45 -6.36
N GLU A 47 -45.94 -8.06 -7.62
CA GLU A 47 -46.58 -8.89 -8.62
C GLU A 47 -45.68 -10.04 -9.08
N SER A 48 -44.38 -9.98 -8.77
CA SER A 48 -43.43 -11.00 -9.19
C SER A 48 -43.55 -12.28 -8.36
N LEU A 49 -44.14 -12.19 -7.16
CA LEU A 49 -44.02 -13.25 -6.18
C LEU A 49 -44.93 -14.43 -6.53
N LYS A 50 -46.13 -14.16 -7.06
CA LYS A 50 -47.02 -15.26 -7.42
C LYS A 50 -46.37 -16.13 -8.50
N PRO A 51 -45.84 -15.56 -9.60
CA PRO A 51 -45.14 -16.33 -10.62
C PRO A 51 -43.93 -17.10 -10.08
N LEU A 52 -43.18 -16.44 -9.18
CA LEU A 52 -42.03 -17.08 -8.55
C LEU A 52 -42.50 -18.26 -7.72
N ALA A 53 -43.54 -18.04 -6.92
CA ALA A 53 -44.15 -19.08 -6.11
C ALA A 53 -44.44 -20.31 -6.97
N ASP A 54 -45.00 -20.11 -8.18
CA ASP A 54 -45.37 -21.21 -9.06
C ASP A 54 -44.15 -22.00 -9.52
N MET A 55 -43.07 -21.29 -9.88
CA MET A 55 -41.85 -21.94 -10.36
C MET A 55 -41.18 -22.74 -9.25
N LEU A 56 -41.30 -22.28 -7.99
CA LEU A 56 -40.65 -22.92 -6.86
C LEU A 56 -41.53 -24.04 -6.29
N GLU A 57 -42.78 -24.12 -6.77
CA GLU A 57 -43.79 -25.04 -6.26
C GLU A 57 -44.02 -24.78 -4.78
N LEU A 58 -44.16 -23.49 -4.41
CA LEU A 58 -44.41 -23.08 -3.03
C LEU A 58 -45.67 -22.22 -2.99
N PRO A 59 -46.40 -22.21 -1.85
CA PRO A 59 -47.52 -21.29 -1.67
C PRO A 59 -47.00 -19.85 -1.70
N LEU A 60 -47.82 -18.93 -2.23
CA LEU A 60 -47.44 -17.52 -2.32
C LEU A 60 -47.10 -16.98 -0.93
N ASN A 61 -47.90 -17.40 0.06
CA ASN A 61 -47.72 -16.98 1.45
C ASN A 61 -46.29 -17.24 1.91
N HIS A 62 -45.75 -18.40 1.53
CA HIS A 62 -44.38 -18.78 1.87
C HIS A 62 -43.39 -17.78 1.29
N VAL A 63 -43.55 -17.46 -0.01
CA VAL A 63 -42.64 -16.57 -0.70
C VAL A 63 -42.72 -15.16 -0.09
N GLU A 64 -43.94 -14.71 0.21
CA GLU A 64 -44.12 -13.40 0.84
C GLU A 64 -43.41 -13.37 2.19
N GLY A 65 -43.59 -14.41 3.00
CA GLY A 65 -42.95 -14.47 4.31
C GLY A 65 -41.43 -14.36 4.22
N VAL A 66 -40.87 -14.99 3.18
CA VAL A 66 -39.42 -15.00 2.99
C VAL A 66 -38.93 -13.61 2.60
N VAL A 67 -39.62 -12.95 1.67
CA VAL A 67 -39.24 -11.60 1.26
C VAL A 67 -39.24 -10.67 2.48
N ALA A 68 -40.26 -10.79 3.33
CA ALA A 68 -40.41 -9.91 4.48
C ALA A 68 -39.28 -10.12 5.48
N PHE A 69 -38.85 -11.37 5.65
CA PHE A 69 -37.88 -11.76 6.67
C PHE A 69 -36.48 -11.24 6.35
N TYR A 70 -36.07 -11.30 5.08
CA TYR A 70 -34.68 -11.08 4.68
C TYR A 70 -34.45 -9.62 4.28
N ASP A 71 -33.56 -8.93 5.01
CA ASP A 71 -33.45 -7.47 4.99
C ASP A 71 -32.87 -6.93 3.68
N MET A 72 -32.17 -7.75 2.89
CA MET A 72 -31.60 -7.25 1.65
C MET A 72 -32.68 -6.91 0.62
N PHE A 73 -33.87 -7.55 0.71
CA PHE A 73 -34.91 -7.40 -0.30
C PHE A 73 -35.79 -6.19 0.04
N ASP A 74 -36.22 -5.50 -1.02
CA ASP A 74 -36.94 -4.23 -0.92
C ASP A 74 -38.11 -4.29 -1.88
N ARG A 75 -39.34 -4.28 -1.35
CA ARG A 75 -40.54 -4.32 -2.17
C ARG A 75 -41.10 -2.92 -2.41
N GLU A 76 -40.44 -1.88 -1.90
CA GLU A 76 -41.06 -0.56 -1.86
C GLU A 76 -40.41 0.42 -2.81
N ASP A 77 -39.07 0.42 -2.93
CA ASP A 77 -38.39 1.46 -3.69
C ASP A 77 -37.51 0.86 -4.78
N LYS A 78 -37.76 1.28 -6.03
CA LYS A 78 -36.87 0.99 -7.13
C LYS A 78 -35.64 1.89 -7.04
N ALA A 79 -34.45 1.28 -7.18
CA ALA A 79 -33.22 2.05 -7.28
C ALA A 79 -32.23 1.31 -8.19
N LYS A 80 -31.57 2.06 -9.07
CA LYS A 80 -30.60 1.48 -9.98
C LYS A 80 -29.38 1.03 -9.17
N TYR A 81 -29.00 1.85 -8.19
CA TYR A 81 -27.82 1.60 -7.37
C TYR A 81 -28.18 1.74 -5.90
N ARG A 82 -27.98 0.66 -5.13
CA ARG A 82 -28.15 0.70 -3.69
C ARG A 82 -26.81 1.02 -3.06
N ILE A 83 -26.74 2.15 -2.35
CA ILE A 83 -25.57 2.50 -1.56
C ILE A 83 -25.81 2.01 -0.13
N ARG A 84 -25.24 0.84 0.18
CA ARG A 84 -25.37 0.26 1.50
C ARG A 84 -24.29 0.85 2.39
N VAL A 85 -24.71 1.50 3.48
CA VAL A 85 -23.78 2.16 4.39
C VAL A 85 -23.84 1.45 5.75
N CYS A 86 -22.69 0.95 6.19
CA CYS A 86 -22.63 0.25 7.46
C CYS A 86 -22.82 1.25 8.60
N VAL A 87 -23.74 0.93 9.53
CA VAL A 87 -24.01 1.79 10.67
C VAL A 87 -23.69 1.07 11.98
N SER A 88 -22.98 -0.07 11.93
CA SER A 88 -22.65 -0.83 13.13
C SER A 88 -21.42 -0.23 13.83
N ILE A 89 -21.04 -0.85 14.94
CA ILE A 89 -20.13 -0.27 15.92
C ILE A 89 -18.84 0.25 15.29
N VAL A 90 -18.13 -0.57 14.49
CA VAL A 90 -16.78 -0.18 14.09
C VAL A 90 -16.86 0.98 13.10
N CYS A 91 -17.76 0.89 12.12
CA CYS A 91 -17.89 1.99 11.16
C CYS A 91 -18.32 3.27 11.87
N HIS A 92 -19.18 3.15 12.90
CA HIS A 92 -19.65 4.30 13.62
C HIS A 92 -18.47 5.00 14.29
N LEU A 93 -17.64 4.20 14.97
CA LEU A 93 -16.42 4.66 15.62
C LEU A 93 -15.52 5.43 14.64
N MET A 94 -15.36 4.89 13.43
CA MET A 94 -14.34 5.35 12.51
C MET A 94 -14.88 6.33 11.46
N GLY A 95 -16.21 6.59 11.45
CA GLY A 95 -16.73 7.77 10.76
C GLY A 95 -17.90 7.53 9.80
N THR A 96 -18.83 6.62 10.12
CA THR A 96 -20.09 6.52 9.37
C THR A 96 -20.69 7.90 9.13
N ASN A 97 -20.68 8.77 10.14
CA ASN A 97 -21.39 10.04 10.06
C ASN A 97 -20.75 10.94 8.99
N LYS A 98 -19.43 10.84 8.81
CA LYS A 98 -18.73 11.61 7.79
C LYS A 98 -19.12 11.09 6.41
N LEU A 99 -19.23 9.77 6.27
CA LEU A 99 -19.68 9.17 5.04
C LEU A 99 -21.09 9.65 4.69
N LEU A 100 -22.00 9.62 5.67
CA LEU A 100 -23.38 10.03 5.41
C LEU A 100 -23.47 11.50 5.04
N LYS A 101 -22.65 12.32 5.71
CA LYS A 101 -22.62 13.75 5.44
C LYS A 101 -22.14 13.99 4.00
N ALA A 102 -21.06 13.30 3.62
CA ALA A 102 -20.53 13.38 2.26
C ALA A 102 -21.60 12.94 1.25
N LEU A 103 -22.34 11.87 1.58
CA LEU A 103 -23.37 11.37 0.67
C LEU A 103 -24.49 12.40 0.48
N GLU A 104 -24.90 13.03 1.58
CA GLU A 104 -25.92 14.07 1.51
C GLU A 104 -25.41 15.26 0.69
N ASN A 105 -24.14 15.65 0.89
CA ASN A 105 -23.53 16.73 0.13
C ASN A 105 -23.55 16.42 -1.38
N ILE A 106 -23.20 15.19 -1.76
CA ILE A 106 -23.07 14.84 -3.18
C ILE A 106 -24.46 14.58 -3.79
N LEU A 107 -25.31 13.80 -3.11
CA LEU A 107 -26.50 13.24 -3.74
C LEU A 107 -27.79 13.89 -3.26
N GLY A 108 -27.72 14.59 -2.13
CA GLY A 108 -28.86 15.35 -1.61
C GLY A 108 -29.87 14.48 -0.85
N ILE A 109 -29.48 13.26 -0.44
CA ILE A 109 -30.39 12.34 0.25
C ILE A 109 -29.75 11.78 1.53
N LYS A 110 -30.62 11.23 2.39
CA LYS A 110 -30.27 10.67 3.68
C LYS A 110 -30.62 9.18 3.69
N PRO A 111 -30.19 8.40 4.69
CA PRO A 111 -30.54 6.98 4.76
C PRO A 111 -32.03 6.75 4.55
N GLY A 112 -32.35 5.73 3.74
CA GLY A 112 -33.73 5.36 3.47
C GLY A 112 -34.31 6.10 2.26
N GLU A 113 -33.65 7.17 1.79
CA GLU A 113 -34.18 7.97 0.70
C GLU A 113 -33.63 7.52 -0.66
N VAL A 114 -34.43 7.73 -1.71
CA VAL A 114 -34.01 7.53 -3.09
C VAL A 114 -33.91 8.89 -3.77
N THR A 115 -32.89 9.10 -4.61
CA THR A 115 -32.80 10.34 -5.37
C THR A 115 -34.00 10.41 -6.31
N PRO A 116 -34.43 11.62 -6.73
CA PRO A 116 -35.63 11.78 -7.57
C PRO A 116 -35.60 11.04 -8.90
N ASP A 117 -34.40 10.87 -9.47
CA ASP A 117 -34.22 10.20 -10.75
C ASP A 117 -34.23 8.67 -10.58
N GLY A 118 -34.32 8.20 -9.33
CA GLY A 118 -34.37 6.77 -9.05
C GLY A 118 -33.00 6.10 -9.19
N LYS A 119 -31.93 6.91 -9.18
CA LYS A 119 -30.61 6.41 -9.48
C LYS A 119 -29.97 5.77 -8.26
N PHE A 120 -30.02 6.47 -7.12
CA PHE A 120 -29.34 6.02 -5.90
C PHE A 120 -30.33 5.97 -4.75
N LYS A 121 -30.20 4.90 -3.93
CA LYS A 121 -30.88 4.80 -2.65
C LYS A 121 -29.82 4.52 -1.60
N ILE A 122 -29.86 5.26 -0.48
CA ILE A 122 -29.00 4.96 0.65
C ILE A 122 -29.71 3.98 1.58
N VAL A 123 -29.02 2.88 1.89
CA VAL A 123 -29.53 1.78 2.67
C VAL A 123 -28.64 1.58 3.88
N PRO A 124 -29.11 1.90 5.10
CA PRO A 124 -28.31 1.65 6.29
C PRO A 124 -28.31 0.14 6.55
N VAL A 125 -27.12 -0.43 6.77
CA VAL A 125 -26.98 -1.86 6.96
C VAL A 125 -26.12 -2.12 8.20
N GLN A 126 -26.28 -3.34 8.74
CA GLN A 126 -25.44 -3.85 9.79
C GLN A 126 -24.06 -4.23 9.23
N CYS A 127 -23.13 -4.54 10.13
CA CYS A 127 -21.74 -4.85 9.80
C CYS A 127 -21.63 -5.64 8.50
N LEU A 128 -20.83 -5.10 7.57
CA LEU A 128 -20.60 -5.68 6.27
C LEU A 128 -19.39 -6.62 6.25
N GLY A 129 -18.78 -6.85 7.41
CA GLY A 129 -17.62 -7.74 7.45
C GLY A 129 -16.41 -7.17 6.70
N ALA A 130 -16.14 -5.87 6.88
CA ALA A 130 -14.94 -5.25 6.35
C ALA A 130 -14.41 -4.18 7.30
N CYS A 131 -14.50 -4.48 8.62
CA CYS A 131 -14.44 -3.50 9.69
C CYS A 131 -13.05 -2.82 9.75
N SER A 132 -12.00 -3.53 9.31
CA SER A 132 -10.68 -2.93 9.26
C SER A 132 -10.64 -1.76 8.28
N GLU A 133 -11.56 -1.75 7.31
CA GLU A 133 -11.63 -0.70 6.31
C GLU A 133 -12.77 0.26 6.61
N ALA A 134 -13.18 0.33 7.87
CA ALA A 134 -14.22 1.27 8.30
C ALA A 134 -13.84 2.69 7.93
N PRO A 135 -14.80 3.56 7.54
CA PRO A 135 -16.21 3.20 7.34
C PRO A 135 -16.47 2.64 5.94
N VAL A 136 -17.29 1.58 5.90
CA VAL A 136 -17.48 0.78 4.70
C VAL A 136 -18.82 1.12 4.04
N PHE A 137 -18.84 1.06 2.70
CA PHE A 137 -20.10 1.13 1.97
C PHE A 137 -20.00 0.24 0.73
N MET A 138 -21.18 -0.12 0.22
CA MET A 138 -21.27 -0.82 -1.05
C MET A 138 -22.04 0.05 -2.03
N VAL A 139 -21.73 -0.12 -3.32
CA VAL A 139 -22.58 0.38 -4.39
C VAL A 139 -22.98 -0.85 -5.21
N ASN A 140 -24.25 -1.27 -5.09
CA ASN A 140 -24.64 -2.60 -5.53
C ASN A 140 -23.63 -3.60 -4.98
N ASP A 141 -22.96 -4.37 -5.84
CA ASP A 141 -22.10 -5.44 -5.36
C ASP A 141 -20.69 -4.96 -5.04
N ASP A 142 -20.32 -3.75 -5.48
CA ASP A 142 -18.97 -3.25 -5.25
C ASP A 142 -18.87 -2.73 -3.82
N GLU A 143 -17.72 -2.96 -3.18
CA GLU A 143 -17.53 -2.51 -1.81
C GLU A 143 -16.25 -1.70 -1.67
N TYR A 144 -16.34 -0.66 -0.82
CA TYR A 144 -15.29 0.35 -0.69
C TYR A 144 -15.11 0.81 0.75
N LYS A 145 -13.89 1.26 1.05
CA LYS A 145 -13.64 2.12 2.20
C LYS A 145 -13.86 3.58 1.82
N PHE A 146 -14.61 4.30 2.68
CA PHE A 146 -14.75 5.74 2.53
C PHE A 146 -13.52 6.44 3.11
N GLU A 147 -12.93 7.33 2.30
CA GLU A 147 -11.74 8.08 2.71
C GLU A 147 -12.09 9.57 2.89
N SER A 148 -12.87 10.14 1.97
CA SER A 148 -13.18 11.56 1.95
C SER A 148 -14.27 11.83 0.91
N GLU A 149 -14.83 13.03 0.95
CA GLU A 149 -15.86 13.43 0.01
C GLU A 149 -15.33 13.47 -1.43
N VAL A 150 -14.11 13.98 -1.63
CA VAL A 150 -13.53 14.06 -2.97
C VAL A 150 -13.41 12.65 -3.55
N GLN A 151 -12.95 11.71 -2.71
CA GLN A 151 -12.73 10.34 -3.13
C GLN A 151 -14.06 9.65 -3.44
N LEU A 152 -15.06 9.91 -2.59
CA LEU A 152 -16.37 9.31 -2.73
C LEU A 152 -17.03 9.81 -4.02
N ASN A 153 -16.87 11.10 -4.28
CA ASN A 153 -17.46 11.72 -5.45
C ASN A 153 -16.95 11.04 -6.73
N GLU A 154 -15.65 10.72 -6.75
CA GLU A 154 -15.03 10.07 -7.89
C GLU A 154 -15.55 8.64 -8.04
N ILE A 155 -15.69 7.91 -6.93
CA ILE A 155 -16.22 6.55 -6.97
C ILE A 155 -17.63 6.57 -7.56
N LEU A 156 -18.47 7.48 -7.08
CA LEU A 156 -19.87 7.49 -7.47
C LEU A 156 -20.03 7.88 -8.94
N SER A 157 -19.06 8.65 -9.46
CA SER A 157 -19.11 9.09 -10.85
C SER A 157 -18.93 7.93 -11.82
N ARG A 158 -18.47 6.78 -11.32
CA ARG A 158 -18.33 5.57 -12.14
C ARG A 158 -19.68 4.88 -12.36
N TYR A 159 -20.73 5.28 -11.63
CA TYR A 159 -22.05 4.68 -11.76
C TYR A 159 -22.99 5.66 -12.49
N THR A 160 -23.35 5.32 -13.73
CA THR A 160 -24.09 6.23 -14.60
C THR A 160 -25.48 5.69 -14.88
N ARG B 2 -12.74 -14.11 -15.04
CA ARG B 2 -13.63 -12.93 -15.21
C ARG B 2 -13.29 -11.90 -14.15
N SER B 3 -13.98 -10.75 -14.20
CA SER B 3 -13.83 -9.76 -13.15
C SER B 3 -14.89 -10.01 -12.07
N TYR B 4 -14.53 -9.57 -10.86
CA TYR B 4 -15.38 -9.69 -9.70
C TYR B 4 -15.68 -8.29 -9.21
N PRO B 5 -16.72 -8.11 -8.38
CA PRO B 5 -17.00 -6.82 -7.75
C PRO B 5 -15.80 -6.35 -6.93
N ALA B 6 -15.70 -5.04 -6.74
CA ALA B 6 -14.67 -4.43 -5.92
C ALA B 6 -14.75 -4.94 -4.48
N ILE B 7 -13.57 -5.24 -3.91
CA ILE B 7 -13.39 -5.61 -2.52
C ILE B 7 -12.32 -4.70 -1.93
N PRO B 8 -12.53 -4.08 -0.75
CA PRO B 8 -11.44 -3.33 -0.11
C PRO B 8 -10.30 -4.30 0.21
N ARG B 9 -9.07 -3.81 0.17
CA ARG B 9 -7.91 -4.67 0.37
C ARG B 9 -7.53 -4.69 1.85
N ILE B 10 -8.14 -5.61 2.59
CA ILE B 10 -7.91 -5.78 4.01
C ILE B 10 -6.46 -6.25 4.20
N TYR B 11 -5.74 -5.60 5.14
CA TYR B 11 -4.38 -5.97 5.46
C TYR B 11 -4.37 -7.33 6.17
N ALA B 12 -3.37 -8.15 5.83
CA ALA B 12 -3.28 -9.50 6.39
C ALA B 12 -1.81 -9.83 6.64
N GLU B 13 -1.55 -10.45 7.79
CA GLU B 13 -0.19 -10.66 8.28
C GLU B 13 -0.15 -12.00 9.01
N THR B 14 0.94 -12.76 8.85
CA THR B 14 1.00 -14.08 9.45
C THR B 14 2.41 -14.33 9.99
N THR B 15 2.49 -14.95 11.18
CA THR B 15 3.73 -15.48 11.70
C THR B 15 3.83 -16.98 11.42
N LEU B 16 2.80 -17.61 10.87
CA LEU B 16 2.78 -19.07 10.73
C LEU B 16 2.79 -19.50 9.27
N ASN B 17 2.31 -18.62 8.37
CA ASN B 17 2.32 -18.89 6.94
C ASN B 17 1.53 -20.16 6.61
N MET B 18 0.30 -20.26 7.11
CA MET B 18 -0.53 -21.42 6.83
C MET B 18 -1.81 -20.96 6.14
N LEU B 19 -2.82 -20.54 6.92
CA LEU B 19 -4.07 -20.11 6.34
C LEU B 19 -3.90 -18.86 5.46
N LEU B 20 -2.92 -18.01 5.79
CA LEU B 20 -2.64 -16.81 5.03
C LEU B 20 -1.39 -16.92 4.14
N LYS B 21 -0.93 -18.15 3.84
N LYS B 21 -0.93 -18.14 3.82
CA LYS B 21 0.25 -18.28 2.99
CA LYS B 21 0.26 -18.27 2.99
C LYS B 21 0.03 -17.55 1.67
C LYS B 21 0.03 -17.55 1.67
N ARG B 22 -1.18 -17.70 1.10
CA ARG B 22 -1.55 -17.00 -0.12
C ARG B 22 -2.42 -15.79 0.20
N ALA B 23 -3.32 -15.93 1.18
CA ALA B 23 -4.33 -14.93 1.45
C ALA B 23 -3.72 -13.69 2.12
N LYS B 24 -2.41 -13.70 2.43
CA LYS B 24 -1.77 -12.47 2.88
C LYS B 24 -1.65 -11.47 1.73
N LYS B 25 -1.76 -11.95 0.48
CA LYS B 25 -1.76 -11.09 -0.68
C LYS B 25 -3.20 -10.88 -1.15
N PRO B 26 -3.65 -9.62 -1.30
CA PRO B 26 -5.07 -9.33 -1.53
C PRO B 26 -5.53 -9.49 -2.96
N ARG B 27 -5.62 -10.76 -3.42
CA ARG B 27 -6.09 -11.08 -4.75
C ARG B 27 -6.53 -12.53 -4.80
N VAL B 28 -7.26 -12.90 -5.85
CA VAL B 28 -7.75 -14.27 -6.04
C VAL B 28 -6.58 -15.14 -6.50
N HIS B 29 -6.32 -16.22 -5.77
CA HIS B 29 -5.36 -17.23 -6.15
C HIS B 29 -6.12 -18.40 -6.78
N SER B 30 -5.92 -18.60 -8.08
CA SER B 30 -6.68 -19.60 -8.81
C SER B 30 -5.99 -20.96 -8.70
N ILE B 31 -6.58 -21.98 -9.36
CA ILE B 31 -6.21 -23.35 -9.03
C ILE B 31 -4.76 -23.64 -9.41
N ASP B 32 -4.25 -23.06 -10.50
CA ASP B 32 -2.88 -23.34 -10.91
C ASP B 32 -1.91 -22.84 -9.84
N GLU B 33 -2.15 -21.64 -9.29
CA GLU B 33 -1.29 -21.14 -8.23
C GLU B 33 -1.38 -22.03 -6.98
N TYR B 34 -2.61 -22.50 -6.69
CA TYR B 34 -2.83 -23.33 -5.52
C TYR B 34 -2.10 -24.66 -5.67
N LEU B 35 -2.20 -25.27 -6.86
CA LEU B 35 -1.52 -26.53 -7.15
C LEU B 35 0.00 -26.40 -7.03
N LYS B 36 0.57 -25.25 -7.41
CA LYS B 36 2.02 -25.09 -7.37
C LYS B 36 2.59 -25.38 -5.98
N ASP B 37 1.83 -24.99 -4.95
N ASP B 37 1.85 -25.01 -4.92
CA ASP B 37 2.23 -25.02 -3.54
CA ASP B 37 2.36 -25.09 -3.56
C ASP B 37 1.90 -26.37 -2.89
C ASP B 37 1.84 -26.37 -2.88
N GLY B 38 1.47 -27.37 -3.69
CA GLY B 38 1.04 -28.66 -3.15
C GLY B 38 -0.46 -28.72 -2.89
N GLY B 39 -1.22 -27.76 -3.43
CA GLY B 39 -2.67 -27.77 -3.30
C GLY B 39 -3.28 -29.07 -3.84
N TYR B 40 -4.31 -29.54 -3.12
CA TYR B 40 -5.09 -30.73 -3.42
C TYR B 40 -4.32 -32.03 -3.12
N GLN B 41 -3.06 -31.96 -2.67
CA GLN B 41 -2.33 -33.18 -2.37
C GLN B 41 -2.79 -33.81 -1.05
N ALA B 42 -3.29 -32.97 -0.14
CA ALA B 42 -3.86 -33.46 1.11
C ALA B 42 -5.14 -34.24 0.79
N LEU B 43 -5.94 -33.72 -0.15
CA LEU B 43 -7.11 -34.46 -0.62
C LEU B 43 -6.72 -35.82 -1.17
N GLU B 44 -5.73 -35.85 -2.05
CA GLU B 44 -5.30 -37.11 -2.65
C GLU B 44 -4.88 -38.09 -1.56
N LYS B 45 -4.16 -37.60 -0.55
CA LYS B 45 -3.75 -38.42 0.59
C LYS B 45 -4.98 -38.93 1.36
N ALA B 46 -5.93 -38.04 1.61
CA ALA B 46 -7.14 -38.36 2.38
C ALA B 46 -7.94 -39.45 1.68
N LEU B 47 -8.01 -39.41 0.36
CA LEU B 47 -8.80 -40.39 -0.39
C LEU B 47 -8.14 -41.76 -0.30
N ASN B 48 -6.85 -41.82 0.07
CA ASN B 48 -6.18 -43.09 0.28
C ASN B 48 -6.25 -43.53 1.74
N MET B 49 -6.97 -42.79 2.57
CA MET B 49 -7.16 -43.10 3.97
C MET B 49 -8.62 -43.50 4.19
N SER B 50 -8.90 -44.21 5.28
CA SER B 50 -10.29 -44.48 5.64
C SER B 50 -10.90 -43.23 6.24
N PRO B 51 -12.22 -43.02 6.09
CA PRO B 51 -12.90 -41.93 6.79
C PRO B 51 -12.60 -41.94 8.28
N GLU B 52 -12.63 -43.12 8.89
CA GLU B 52 -12.39 -43.28 10.32
C GLU B 52 -11.01 -42.73 10.68
N GLU B 53 -9.99 -42.97 9.83
CA GLU B 53 -8.65 -42.52 10.13
C GLU B 53 -8.60 -41.00 10.09
N ILE B 54 -9.23 -40.38 9.08
CA ILE B 54 -9.26 -38.93 8.97
C ILE B 54 -9.93 -38.34 10.21
N ILE B 55 -11.06 -38.91 10.62
CA ILE B 55 -11.76 -38.40 11.79
C ILE B 55 -10.80 -38.42 12.98
N ASP B 56 -10.09 -39.54 13.13
CA ASP B 56 -9.13 -39.75 14.23
C ASP B 56 -8.05 -38.68 14.22
N TRP B 57 -7.47 -38.38 13.05
CA TRP B 57 -6.44 -37.34 12.98
C TRP B 57 -7.01 -35.99 13.39
N VAL B 58 -8.18 -35.67 12.84
CA VAL B 58 -8.78 -34.38 13.13
C VAL B 58 -9.08 -34.30 14.64
N ASP B 59 -9.52 -35.40 15.24
CA ASP B 59 -9.74 -35.44 16.69
C ASP B 59 -8.43 -35.15 17.42
N LYS B 60 -7.38 -35.91 17.09
CA LYS B 60 -6.12 -35.85 17.82
C LYS B 60 -5.40 -34.52 17.58
N SER B 61 -5.78 -33.77 16.54
CA SER B 61 -5.18 -32.48 16.25
C SER B 61 -5.57 -31.41 17.28
N THR B 62 -6.71 -31.63 17.96
CA THR B 62 -7.32 -30.73 18.94
C THR B 62 -8.01 -29.56 18.25
N LEU B 63 -8.19 -29.62 16.92
CA LEU B 63 -8.94 -28.59 16.22
C LEU B 63 -10.29 -28.37 16.90
N ARG B 64 -10.61 -27.11 17.21
CA ARG B 64 -11.92 -26.73 17.73
C ARG B 64 -12.59 -25.75 16.78
N GLY B 65 -13.93 -25.77 16.78
CA GLY B 65 -14.74 -24.89 15.95
C GLY B 65 -14.31 -23.44 16.06
N ARG B 66 -14.16 -22.77 14.91
CA ARG B 66 -13.71 -21.39 14.87
C ARG B 66 -14.87 -20.41 14.68
N GLY B 67 -16.11 -20.92 14.79
CA GLY B 67 -17.29 -20.10 14.54
C GLY B 67 -17.88 -19.54 15.84
N GLY B 68 -17.24 -19.82 16.98
CA GLY B 68 -17.59 -19.10 18.20
C GLY B 68 -17.82 -20.00 19.39
N ALA B 69 -18.28 -21.23 19.18
CA ALA B 69 -18.65 -22.10 20.28
C ALA B 69 -17.51 -23.06 20.65
N GLY B 70 -16.48 -23.18 19.80
CA GLY B 70 -15.28 -23.94 20.12
C GLY B 70 -15.54 -25.43 20.39
N PHE B 71 -16.55 -26.03 19.73
CA PHE B 71 -16.78 -27.45 19.87
C PHE B 71 -15.69 -28.25 19.15
N PRO B 72 -15.13 -29.33 19.76
CA PRO B 72 -14.09 -30.12 19.11
C PRO B 72 -14.56 -30.75 17.80
N THR B 73 -13.81 -30.50 16.72
CA THR B 73 -14.29 -30.77 15.37
C THR B 73 -14.41 -32.28 15.13
N GLY B 74 -13.34 -33.02 15.49
CA GLY B 74 -13.32 -34.46 15.32
C GLY B 74 -14.48 -35.14 16.04
N LYS B 75 -14.76 -34.69 17.26
CA LYS B 75 -15.85 -35.24 18.07
C LYS B 75 -17.19 -35.00 17.38
N LYS B 76 -17.33 -33.81 16.77
CA LYS B 76 -18.54 -33.48 16.03
C LYS B 76 -18.73 -34.46 14.87
N TRP B 77 -17.65 -34.71 14.12
CA TRP B 77 -17.72 -35.59 12.97
C TRP B 77 -18.07 -37.01 13.40
N LYS B 78 -17.45 -37.44 14.49
CA LYS B 78 -17.64 -38.76 15.04
C LYS B 78 -19.12 -38.95 15.38
N PHE B 79 -19.73 -37.91 15.98
CA PHE B 79 -21.13 -37.99 16.36
C PHE B 79 -22.01 -38.19 15.12
N ALA B 80 -21.71 -37.45 14.04
CA ALA B 80 -22.50 -37.54 12.82
C ALA B 80 -22.49 -38.96 12.26
N VAL B 81 -21.31 -39.61 12.25
CA VAL B 81 -21.13 -40.87 11.54
C VAL B 81 -21.67 -42.05 12.36
N GLN B 82 -22.06 -41.83 13.63
CA GLN B 82 -22.75 -42.84 14.41
C GLN B 82 -24.21 -42.96 13.94
N ASN B 83 -24.69 -41.97 13.16
CA ASN B 83 -26.07 -41.97 12.69
C ASN B 83 -26.15 -42.42 11.24
N PRO B 84 -27.16 -43.21 10.84
CA PRO B 84 -27.32 -43.64 9.45
C PRO B 84 -27.41 -42.49 8.45
N GLY B 85 -26.78 -42.71 7.29
CA GLY B 85 -26.79 -41.75 6.20
C GLY B 85 -28.15 -41.72 5.48
N PRO B 86 -28.29 -40.90 4.41
CA PRO B 86 -27.21 -40.06 3.91
C PRO B 86 -26.92 -38.92 4.88
N ARG B 87 -25.73 -38.32 4.75
CA ARG B 87 -25.31 -37.21 5.59
C ARG B 87 -24.93 -36.02 4.70
N TYR B 88 -24.97 -34.82 5.29
CA TYR B 88 -24.69 -33.59 4.59
C TYR B 88 -23.57 -32.85 5.32
N PHE B 89 -22.76 -32.15 4.53
CA PHE B 89 -21.71 -31.29 5.04
C PHE B 89 -22.02 -29.85 4.63
N ILE B 90 -21.94 -28.93 5.59
CA ILE B 90 -22.22 -27.52 5.35
C ILE B 90 -21.07 -26.67 5.86
N CYS B 91 -20.53 -25.83 4.95
CA CYS B 91 -19.59 -24.76 5.28
C CYS B 91 -20.36 -23.48 5.60
N ASN B 92 -20.19 -23.00 6.84
CA ASN B 92 -20.83 -21.79 7.32
C ASN B 92 -19.97 -20.58 6.97
N ALA B 93 -20.37 -19.86 5.91
CA ALA B 93 -19.72 -18.63 5.49
C ALA B 93 -20.65 -17.42 5.68
N ASP B 94 -21.42 -17.43 6.77
CA ASP B 94 -22.38 -16.36 6.99
C ASP B 94 -21.74 -15.13 7.63
N GLU B 95 -20.58 -15.28 8.28
CA GLU B 95 -19.79 -14.24 8.95
C GLU B 95 -20.44 -12.84 8.94
N SER B 96 -21.25 -12.54 9.98
CA SER B 96 -21.97 -11.29 10.06
C SER B 96 -21.86 -10.61 11.43
N GLU B 97 -21.04 -11.16 12.32
CA GLU B 97 -20.88 -10.56 13.63
C GLU B 97 -20.06 -9.28 13.51
N PRO B 98 -20.44 -8.17 14.18
CA PRO B 98 -19.61 -6.97 14.16
C PRO B 98 -18.15 -7.23 14.51
N GLY B 99 -17.27 -6.65 13.69
CA GLY B 99 -15.84 -6.77 13.87
C GLY B 99 -15.23 -7.94 13.10
N THR B 100 -16.07 -8.87 12.61
CA THR B 100 -15.56 -10.17 12.18
C THR B 100 -15.46 -10.21 10.65
N PHE B 101 -14.22 -10.32 10.14
CA PHE B 101 -13.96 -10.34 8.71
C PHE B 101 -12.81 -11.30 8.38
N LYS B 102 -12.56 -12.28 9.25
CA LYS B 102 -11.52 -13.27 9.02
C LYS B 102 -11.87 -14.26 7.89
N ASP B 103 -13.12 -14.72 7.80
CA ASP B 103 -13.47 -15.81 6.90
C ASP B 103 -13.43 -15.35 5.45
N ARG B 104 -13.79 -14.08 5.20
CA ARG B 104 -13.87 -13.60 3.84
C ARG B 104 -12.50 -13.60 3.15
N ILE B 105 -11.41 -13.43 3.91
CA ILE B 105 -10.13 -13.31 3.21
C ILE B 105 -9.69 -14.67 2.69
N ILE B 106 -10.09 -15.75 3.36
CA ILE B 106 -9.87 -17.09 2.85
C ILE B 106 -10.73 -17.29 1.61
N ILE B 107 -12.02 -17.01 1.73
CA ILE B 107 -12.95 -17.20 0.63
C ILE B 107 -12.48 -16.48 -0.63
N GLU B 108 -12.13 -15.19 -0.46
CA GLU B 108 -11.93 -14.28 -1.58
C GLU B 108 -10.53 -14.41 -2.18
N ARG B 109 -9.58 -14.94 -1.40
CA ARG B 109 -8.19 -14.91 -1.84
C ARG B 109 -7.63 -16.31 -2.06
N ASP B 110 -8.08 -17.29 -1.28
CA ASP B 110 -7.56 -18.65 -1.34
C ASP B 110 -8.71 -19.65 -1.29
N PRO B 111 -9.67 -19.53 -2.22
CA PRO B 111 -10.88 -20.34 -2.15
C PRO B 111 -10.59 -21.84 -2.15
N HIS B 112 -9.51 -22.24 -2.83
CA HIS B 112 -9.17 -23.66 -2.94
C HIS B 112 -8.75 -24.27 -1.60
N LEU B 113 -8.22 -23.47 -0.68
CA LEU B 113 -7.91 -23.98 0.65
C LEU B 113 -9.19 -24.43 1.35
N LEU B 114 -10.26 -23.63 1.18
CA LEU B 114 -11.55 -23.97 1.76
C LEU B 114 -12.16 -25.17 1.02
N ILE B 115 -12.12 -25.15 -0.31
CA ILE B 115 -12.73 -26.22 -1.09
C ILE B 115 -12.06 -27.54 -0.77
N GLU B 116 -10.73 -27.55 -0.71
CA GLU B 116 -10.02 -28.79 -0.42
C GLU B 116 -10.47 -29.32 0.94
N GLY B 117 -10.59 -28.43 1.93
CA GLY B 117 -11.06 -28.83 3.25
C GLY B 117 -12.49 -29.38 3.22
N ILE B 118 -13.36 -28.79 2.41
CA ILE B 118 -14.73 -29.27 2.32
C ILE B 118 -14.76 -30.69 1.76
N ILE B 119 -13.93 -30.97 0.75
CA ILE B 119 -13.98 -32.28 0.11
C ILE B 119 -13.49 -33.34 1.08
N ILE B 120 -12.40 -33.04 1.80
CA ILE B 120 -11.83 -33.98 2.76
C ILE B 120 -12.85 -34.26 3.88
N SER B 121 -13.44 -33.18 4.41
CA SER B 121 -14.41 -33.24 5.49
C SER B 121 -15.62 -34.06 5.05
N SER B 122 -16.09 -33.83 3.82
CA SER B 122 -17.25 -34.50 3.28
C SER B 122 -16.99 -36.00 3.16
N TYR B 123 -15.79 -36.35 2.66
CA TYR B 123 -15.37 -37.73 2.54
C TYR B 123 -15.32 -38.38 3.94
N ALA B 124 -14.78 -37.66 4.92
CA ALA B 124 -14.66 -38.19 6.27
C ALA B 124 -16.01 -38.60 6.87
N ILE B 125 -17.07 -37.86 6.57
CA ILE B 125 -18.38 -38.12 7.18
C ILE B 125 -19.32 -38.83 6.20
N GLY B 126 -18.84 -39.15 4.99
CA GLY B 126 -19.62 -39.88 4.00
C GLY B 126 -20.71 -39.03 3.37
N ALA B 127 -20.52 -37.71 3.31
CA ALA B 127 -21.45 -36.82 2.64
C ALA B 127 -21.12 -36.71 1.15
N ASN B 128 -22.13 -36.89 0.28
CA ASN B 128 -21.95 -36.77 -1.16
C ASN B 128 -22.49 -35.43 -1.67
N GLU B 129 -23.09 -34.66 -0.76
CA GLU B 129 -23.69 -33.37 -1.05
C GLU B 129 -23.21 -32.41 0.03
N ALA B 130 -22.55 -31.35 -0.37
CA ALA B 130 -22.09 -30.33 0.56
C ALA B 130 -22.55 -28.95 0.10
N TYR B 131 -22.59 -28.03 1.04
CA TYR B 131 -23.05 -26.67 0.78
C TYR B 131 -22.04 -25.70 1.35
N ILE B 132 -21.90 -24.56 0.68
CA ILE B 132 -21.39 -23.34 1.29
C ILE B 132 -22.57 -22.36 1.40
N TYR B 133 -22.85 -21.89 2.61
CA TYR B 133 -23.83 -20.84 2.81
C TYR B 133 -23.06 -19.55 3.07
N ILE B 134 -23.09 -18.65 2.09
CA ILE B 134 -22.36 -17.39 2.19
C ILE B 134 -23.34 -16.23 2.29
N ARG B 135 -23.04 -15.29 3.19
CA ARG B 135 -23.92 -14.17 3.41
C ARG B 135 -24.09 -13.44 2.08
N GLY B 136 -25.28 -12.83 1.93
CA GLY B 136 -25.63 -12.15 0.70
C GLY B 136 -24.77 -10.90 0.47
N GLU B 137 -24.22 -10.30 1.53
CA GLU B 137 -23.41 -9.08 1.43
C GLU B 137 -21.96 -9.40 1.03
N TYR B 138 -21.66 -10.67 0.71
CA TYR B 138 -20.38 -11.10 0.14
C TYR B 138 -20.57 -11.56 -1.30
N PRO B 139 -21.00 -10.68 -2.22
CA PRO B 139 -21.22 -11.10 -3.60
C PRO B 139 -19.94 -11.54 -4.31
N ALA B 140 -18.82 -10.86 -4.03
CA ALA B 140 -17.58 -11.23 -4.69
C ALA B 140 -17.17 -12.64 -4.27
N GLY B 141 -17.27 -12.93 -2.96
CA GLY B 141 -16.92 -14.24 -2.46
C GLY B 141 -17.78 -15.32 -3.12
N TYR B 142 -19.07 -15.02 -3.34
CA TYR B 142 -19.97 -15.97 -3.98
C TYR B 142 -19.46 -16.31 -5.39
N TYR B 143 -19.18 -15.29 -6.21
CA TYR B 143 -18.77 -15.52 -7.59
C TYR B 143 -17.39 -16.17 -7.62
N ILE B 144 -16.51 -15.78 -6.69
CA ILE B 144 -15.19 -16.36 -6.60
C ILE B 144 -15.30 -17.85 -6.30
N LEU B 145 -16.17 -18.22 -5.36
CA LEU B 145 -16.36 -19.62 -4.96
C LEU B 145 -16.95 -20.44 -6.11
N ARG B 146 -17.95 -19.90 -6.81
CA ARG B 146 -18.60 -20.61 -7.91
C ARG B 146 -17.55 -20.94 -8.96
N ASP B 147 -16.68 -19.96 -9.27
CA ASP B 147 -15.64 -20.14 -10.26
C ASP B 147 -14.61 -21.16 -9.78
N ALA B 148 -14.24 -21.11 -8.48
CA ALA B 148 -13.24 -22.03 -7.97
C ALA B 148 -13.77 -23.47 -8.01
N ILE B 149 -15.05 -23.64 -7.68
CA ILE B 149 -15.66 -24.96 -7.70
C ILE B 149 -15.61 -25.52 -9.12
N GLU B 150 -15.88 -24.67 -10.12
CA GLU B 150 -15.77 -25.07 -11.51
C GLU B 150 -14.34 -25.48 -11.85
N GLU B 151 -13.34 -24.72 -11.40
CA GLU B 151 -11.93 -25.05 -11.59
C GLU B 151 -11.63 -26.44 -11.03
N ALA B 152 -12.12 -26.70 -9.80
CA ALA B 152 -11.84 -27.96 -9.12
C ALA B 152 -12.50 -29.12 -9.88
N LYS B 153 -13.72 -28.91 -10.40
CA LYS B 153 -14.39 -29.93 -11.20
C LYS B 153 -13.55 -30.28 -12.42
N LYS B 154 -13.10 -29.26 -13.15
CA LYS B 154 -12.32 -29.45 -14.36
C LYS B 154 -11.02 -30.21 -14.08
N LYS B 155 -10.46 -30.10 -12.87
CA LYS B 155 -9.25 -30.84 -12.54
C LYS B 155 -9.55 -32.18 -11.87
N GLY B 156 -10.83 -32.55 -11.78
CA GLY B 156 -11.23 -33.87 -11.30
C GLY B 156 -11.26 -34.01 -9.77
N PHE B 157 -11.36 -32.90 -9.04
CA PHE B 157 -11.40 -32.96 -7.59
C PHE B 157 -12.83 -33.01 -7.07
N LEU B 158 -13.81 -32.73 -7.94
CA LEU B 158 -15.22 -32.82 -7.61
C LEU B 158 -15.91 -33.61 -8.71
N GLY B 159 -17.14 -34.05 -8.44
CA GLY B 159 -17.91 -34.85 -9.37
C GLY B 159 -18.04 -36.29 -8.89
N LYS B 160 -18.22 -37.21 -9.84
CA LYS B 160 -18.37 -38.62 -9.52
C LYS B 160 -17.00 -39.26 -9.51
N ASN B 161 -16.84 -40.24 -8.62
CA ASN B 161 -15.68 -41.13 -8.65
C ASN B 161 -14.41 -40.28 -8.69
N ILE B 162 -14.27 -39.42 -7.68
CA ILE B 162 -13.19 -38.45 -7.63
C ILE B 162 -11.84 -39.19 -7.55
N LEU B 163 -11.00 -38.97 -8.58
CA LEU B 163 -9.67 -39.57 -8.68
C LEU B 163 -9.72 -41.08 -8.47
N GLY B 164 -10.75 -41.75 -9.01
CA GLY B 164 -10.84 -43.18 -8.99
C GLY B 164 -11.21 -43.75 -7.61
N SER B 165 -11.57 -42.90 -6.66
CA SER B 165 -11.78 -43.32 -5.28
C SER B 165 -13.16 -43.95 -5.06
N GLY B 166 -14.09 -43.75 -5.99
CA GLY B 166 -15.48 -44.17 -5.78
C GLY B 166 -16.29 -43.18 -4.94
N PHE B 167 -15.65 -42.10 -4.48
CA PHE B 167 -16.32 -41.07 -3.71
C PHE B 167 -16.87 -39.97 -4.61
N ASP B 168 -18.17 -39.66 -4.44
CA ASP B 168 -18.84 -38.66 -5.26
C ASP B 168 -19.12 -37.42 -4.41
N LEU B 169 -18.94 -36.22 -4.99
CA LEU B 169 -19.26 -35.01 -4.23
C LEU B 169 -19.65 -33.87 -5.17
N GLU B 170 -20.76 -33.18 -4.82
CA GLU B 170 -21.09 -31.88 -5.40
C GLU B 170 -21.13 -30.87 -4.25
N ILE B 171 -20.63 -29.66 -4.51
CA ILE B 171 -20.68 -28.55 -3.58
C ILE B 171 -21.57 -27.48 -4.17
N TYR B 172 -22.68 -27.17 -3.49
CA TYR B 172 -23.62 -26.15 -3.90
C TYR B 172 -23.33 -24.88 -3.10
N VAL B 173 -23.43 -23.72 -3.75
CA VAL B 173 -23.22 -22.45 -3.09
C VAL B 173 -24.57 -21.75 -2.95
N ALA B 174 -24.96 -21.54 -1.68
CA ALA B 174 -26.19 -20.82 -1.36
C ALA B 174 -25.82 -19.44 -0.82
N ARG B 175 -26.73 -18.48 -1.02
CA ARG B 175 -26.53 -17.11 -0.58
C ARG B 175 -27.59 -16.73 0.45
N GLY B 176 -27.12 -16.07 1.51
CA GLY B 176 -27.98 -15.43 2.48
C GLY B 176 -28.61 -14.19 1.88
N ALA B 177 -29.45 -13.50 2.68
CA ALA B 177 -30.14 -12.32 2.19
C ALA B 177 -30.41 -11.31 3.30
N GLY B 178 -29.51 -11.23 4.30
CA GLY B 178 -29.43 -10.07 5.19
C GLY B 178 -29.66 -10.39 6.66
N ALA B 179 -29.69 -11.67 7.04
CA ALA B 179 -30.06 -12.02 8.40
C ALA B 179 -28.87 -12.64 9.14
N TYR B 180 -28.36 -11.94 10.17
CA TYR B 180 -27.30 -12.45 11.02
C TYR B 180 -27.66 -13.82 11.60
N ILE B 181 -28.95 -14.03 11.88
CA ILE B 181 -29.38 -15.23 12.55
C ILE B 181 -29.13 -16.45 11.67
N CYS B 182 -29.02 -16.29 10.35
CA CYS B 182 -28.76 -17.41 9.47
C CYS B 182 -27.35 -17.98 9.62
N GLY B 183 -26.50 -17.36 10.46
CA GLY B 183 -25.24 -17.95 10.87
C GLY B 183 -25.40 -19.02 11.96
N GLU B 184 -26.49 -18.94 12.74
CA GLU B 184 -26.82 -19.98 13.69
C GLU B 184 -27.15 -21.24 12.89
N GLU B 185 -26.52 -22.36 13.25
CA GLU B 185 -26.45 -23.51 12.34
C GLU B 185 -27.84 -24.05 12.01
N THR B 186 -28.79 -24.07 12.96
CA THR B 186 -30.11 -24.61 12.66
C THR B 186 -30.90 -23.64 11.79
N ALA B 187 -30.74 -22.33 11.97
CA ALA B 187 -31.42 -21.36 11.13
C ALA B 187 -30.83 -21.36 9.72
N LEU B 188 -29.52 -21.60 9.65
CA LEU B 188 -28.84 -21.75 8.37
C LEU B 188 -29.49 -22.88 7.58
N ILE B 189 -29.68 -24.03 8.25
CA ILE B 189 -30.30 -25.19 7.62
C ILE B 189 -31.72 -24.84 7.15
N GLU B 190 -32.49 -24.14 8.00
CA GLU B 190 -33.82 -23.72 7.60
C GLU B 190 -33.75 -22.89 6.33
N SER B 191 -32.77 -21.97 6.24
CA SER B 191 -32.59 -21.15 5.05
C SER B 191 -32.21 -22.00 3.82
N LEU B 192 -31.36 -23.00 4.02
CA LEU B 192 -31.02 -23.94 2.94
C LEU B 192 -32.24 -24.69 2.45
N GLU B 193 -33.24 -24.88 3.32
CA GLU B 193 -34.44 -25.62 2.99
C GLU B 193 -35.47 -24.67 2.36
N GLY B 194 -35.07 -23.41 2.17
CA GLY B 194 -35.88 -22.45 1.44
C GLY B 194 -36.87 -21.71 2.33
N LYS B 195 -36.59 -21.66 3.64
CA LYS B 195 -37.48 -21.02 4.60
C LYS B 195 -36.82 -19.82 5.26
N ARG B 196 -37.60 -19.14 6.09
CA ARG B 196 -37.09 -18.12 6.98
C ARG B 196 -36.05 -18.74 7.92
N GLY B 197 -35.11 -17.91 8.36
CA GLY B 197 -34.01 -18.33 9.22
C GLY B 197 -34.45 -18.32 10.68
N HIS B 198 -35.21 -19.34 11.05
CA HIS B 198 -35.68 -19.50 12.40
C HIS B 198 -34.92 -20.64 13.06
N PRO B 199 -34.10 -20.37 14.10
CA PRO B 199 -33.48 -21.46 14.84
C PRO B 199 -34.47 -22.50 15.35
N ARG B 200 -33.99 -23.75 15.36
CA ARG B 200 -34.76 -24.88 15.86
C ARG B 200 -34.36 -25.14 17.31
N LEU B 201 -35.30 -25.70 18.07
CA LEU B 201 -35.04 -26.18 19.42
C LEU B 201 -34.00 -27.30 19.35
N LYS B 202 -32.93 -27.16 20.15
CA LYS B 202 -31.90 -28.17 20.28
C LYS B 202 -31.93 -28.69 21.72
N PRO B 203 -31.69 -30.01 21.97
CA PRO B 203 -31.50 -30.99 20.90
C PRO B 203 -32.82 -31.28 20.20
N PRO B 204 -32.85 -31.99 19.05
CA PRO B 204 -31.67 -32.60 18.46
C PRO B 204 -30.65 -31.63 17.86
N TYR B 205 -29.38 -32.05 17.85
CA TYR B 205 -28.33 -31.30 17.20
C TYR B 205 -28.31 -31.72 15.74
N PRO B 206 -27.84 -30.84 14.83
CA PRO B 206 -27.80 -31.14 13.40
C PRO B 206 -27.15 -32.48 13.07
N VAL B 207 -26.16 -32.91 13.87
CA VAL B 207 -25.42 -34.13 13.57
C VAL B 207 -26.34 -35.35 13.69
N GLN B 208 -27.46 -35.20 14.41
CA GLN B 208 -28.49 -36.23 14.49
C GLN B 208 -29.58 -35.95 13.45
N LYS B 209 -30.12 -34.72 13.48
CA LYS B 209 -31.21 -34.31 12.59
C LYS B 209 -30.94 -32.88 12.11
N GLY B 210 -30.59 -32.75 10.82
CA GLY B 210 -30.20 -31.47 10.26
C GLY B 210 -30.98 -31.17 8.98
N LEU B 211 -30.25 -31.06 7.87
CA LEU B 211 -30.84 -30.77 6.57
C LEU B 211 -31.70 -31.96 6.16
N TRP B 212 -32.98 -31.68 5.85
CA TRP B 212 -33.97 -32.69 5.55
C TRP B 212 -34.04 -33.78 6.63
N GLY B 213 -33.67 -33.43 7.87
CA GLY B 213 -33.79 -34.33 9.01
C GLY B 213 -32.66 -35.36 9.08
N LYS B 214 -31.63 -35.19 8.27
CA LYS B 214 -30.55 -36.16 8.14
C LYS B 214 -29.32 -35.65 8.88
N PRO B 215 -28.40 -36.55 9.31
CA PRO B 215 -27.18 -36.11 9.99
C PRO B 215 -26.43 -35.09 9.15
N THR B 216 -26.12 -33.94 9.76
CA THR B 216 -25.54 -32.81 9.07
C THR B 216 -24.43 -32.24 9.96
N VAL B 217 -23.24 -32.09 9.37
CA VAL B 217 -22.16 -31.38 10.01
C VAL B 217 -22.10 -29.98 9.44
N VAL B 218 -22.19 -28.99 10.34
CA VAL B 218 -21.93 -27.61 10.03
C VAL B 218 -20.59 -27.22 10.66
N ASN B 219 -19.68 -26.68 9.83
CA ASN B 219 -18.41 -26.12 10.30
C ASN B 219 -18.18 -24.76 9.68
N ASN B 220 -17.50 -23.91 10.47
CA ASN B 220 -17.09 -22.59 10.05
C ASN B 220 -15.98 -22.66 8.99
N VAL B 221 -15.96 -21.65 8.10
CA VAL B 221 -14.95 -21.51 7.07
C VAL B 221 -13.54 -21.73 7.63
N GLU B 222 -13.20 -20.99 8.70
CA GLU B 222 -11.85 -21.07 9.25
C GLU B 222 -11.56 -22.48 9.76
N THR B 223 -12.52 -23.10 10.44
CA THR B 223 -12.35 -24.47 10.90
C THR B 223 -11.91 -25.36 9.74
N ILE B 224 -12.64 -25.25 8.63
CA ILE B 224 -12.47 -26.17 7.51
C ILE B 224 -11.12 -25.93 6.84
N ALA B 225 -10.70 -24.66 6.81
CA ALA B 225 -9.43 -24.26 6.25
C ALA B 225 -8.23 -24.89 6.96
N ASN B 226 -8.43 -25.47 8.16
CA ASN B 226 -7.36 -26.15 8.87
C ASN B 226 -7.17 -27.61 8.41
N VAL B 227 -8.19 -28.19 7.77
CA VAL B 227 -8.20 -29.62 7.53
C VAL B 227 -7.05 -30.04 6.61
N ARG B 228 -6.77 -29.26 5.56
CA ARG B 228 -5.68 -29.58 4.65
C ARG B 228 -4.39 -29.79 5.42
N PHE B 229 -4.12 -28.89 6.39
CA PHE B 229 -2.87 -28.91 7.13
C PHE B 229 -2.79 -30.15 8.01
N ILE B 230 -3.90 -30.50 8.66
CA ILE B 230 -3.90 -31.66 9.54
C ILE B 230 -3.56 -32.91 8.74
N ILE B 231 -4.11 -33.04 7.53
CA ILE B 231 -3.82 -34.23 6.72
C ILE B 231 -2.39 -34.16 6.17
N SER B 232 -1.97 -32.97 5.72
CA SER B 232 -0.67 -32.78 5.09
C SER B 232 0.48 -33.03 6.08
N MET B 233 0.40 -32.40 7.25
CA MET B 233 1.48 -32.42 8.23
C MET B 233 1.36 -33.64 9.15
N GLY B 234 0.14 -34.17 9.29
CA GLY B 234 -0.15 -35.11 10.36
C GLY B 234 -0.57 -34.36 11.62
N TRP B 235 -1.27 -35.07 12.52
CA TRP B 235 -1.81 -34.41 13.70
C TRP B 235 -0.71 -34.03 14.69
N GLU B 236 0.36 -34.83 14.75
CA GLU B 236 1.45 -34.60 15.70
C GLU B 236 2.11 -33.25 15.42
N GLU B 237 2.48 -33.03 14.15
CA GLU B 237 3.14 -31.80 13.75
C GLU B 237 2.18 -30.61 13.89
N TYR B 238 0.90 -30.81 13.55
CA TYR B 238 -0.09 -29.77 13.72
C TYR B 238 -0.15 -29.32 15.19
N ARG B 239 -0.13 -30.28 16.09
CA ARG B 239 -0.25 -30.01 17.51
C ARG B 239 0.98 -29.29 18.07
N TYR B 240 2.06 -29.22 17.27
CA TYR B 240 3.28 -28.53 17.67
C TYR B 240 3.18 -27.03 17.32
N ILE B 241 2.12 -26.62 16.62
CA ILE B 241 1.88 -25.23 16.31
C ILE B 241 1.22 -24.57 17.53
N GLY B 242 1.91 -23.61 18.15
CA GLY B 242 1.38 -22.91 19.30
C GLY B 242 1.45 -23.77 20.56
N PRO B 243 0.66 -23.46 21.60
CA PRO B 243 0.61 -24.27 22.83
C PRO B 243 -0.14 -25.58 22.62
N SER B 244 0.31 -26.66 23.29
CA SER B 244 -0.08 -28.02 22.98
C SER B 244 -1.58 -28.29 23.25
N ASP B 245 -2.20 -27.49 24.13
CA ASP B 245 -3.61 -27.61 24.46
C ASP B 245 -4.49 -26.90 23.44
N TYR B 246 -4.13 -25.65 23.07
CA TYR B 246 -4.87 -24.89 22.07
C TYR B 246 -3.98 -24.68 20.85
N ALA B 247 -3.82 -25.76 20.08
CA ALA B 247 -2.84 -25.83 19.02
C ALA B 247 -3.45 -25.34 17.72
N GLY B 248 -2.57 -24.91 16.83
CA GLY B 248 -2.96 -24.58 15.47
C GLY B 248 -2.94 -23.07 15.24
N PRO B 249 -2.98 -22.66 13.96
CA PRO B 249 -3.08 -21.26 13.60
C PRO B 249 -4.48 -20.73 13.93
N LYS B 250 -4.56 -19.44 14.22
CA LYS B 250 -5.84 -18.78 14.45
C LYS B 250 -5.80 -17.43 13.76
N LEU B 251 -6.92 -17.05 13.14
CA LEU B 251 -7.07 -15.75 12.50
C LEU B 251 -7.70 -14.77 13.49
N PHE B 252 -7.12 -13.58 13.59
CA PHE B 252 -7.62 -12.53 14.47
C PHE B 252 -7.94 -11.28 13.65
N PRO B 253 -9.25 -10.98 13.41
CA PRO B 253 -9.64 -9.75 12.74
C PRO B 253 -9.64 -8.62 13.77
N VAL B 254 -8.74 -7.67 13.56
CA VAL B 254 -8.50 -6.58 14.48
C VAL B 254 -8.95 -5.28 13.81
N SER B 255 -9.80 -4.51 14.50
CA SER B 255 -10.30 -3.27 13.96
C SER B 255 -10.43 -2.20 15.05
N GLY B 256 -10.97 -1.04 14.66
CA GLY B 256 -11.09 0.10 15.54
C GLY B 256 -9.77 0.88 15.63
N LYS B 257 -9.44 1.33 16.84
CA LYS B 257 -8.44 2.36 17.06
C LYS B 257 -7.01 1.79 17.14
N VAL B 258 -6.64 0.97 16.15
CA VAL B 258 -5.28 0.46 16.05
C VAL B 258 -4.67 1.03 14.77
N LYS B 259 -3.34 1.05 14.71
CA LYS B 259 -2.63 1.61 13.57
C LYS B 259 -2.69 0.70 12.36
N LYS B 260 -2.68 -0.62 12.58
CA LYS B 260 -2.69 -1.60 11.48
C LYS B 260 -3.90 -2.52 11.58
N PRO B 261 -5.13 -2.03 11.32
CA PRO B 261 -6.30 -2.92 11.33
C PRO B 261 -6.18 -3.92 10.18
N GLY B 262 -6.61 -5.17 10.45
CA GLY B 262 -6.47 -6.25 9.49
C GLY B 262 -6.60 -7.60 10.16
N VAL B 263 -6.24 -8.66 9.42
CA VAL B 263 -6.37 -10.02 9.90
C VAL B 263 -4.99 -10.56 10.21
N TYR B 264 -4.82 -11.12 11.42
CA TYR B 264 -3.51 -11.61 11.85
C TYR B 264 -3.58 -13.12 12.08
N GLU B 265 -2.65 -13.87 11.46
CA GLU B 265 -2.58 -15.30 11.68
C GLU B 265 -1.48 -15.53 12.72
N LEU B 266 -1.92 -15.97 13.90
CA LEU B 266 -1.04 -16.00 15.06
C LEU B 266 -1.36 -17.27 15.85
N PRO B 267 -0.43 -17.79 16.68
CA PRO B 267 -0.76 -18.87 17.62
C PRO B 267 -1.57 -18.34 18.79
N MET B 268 -2.24 -19.25 19.52
CA MET B 268 -3.25 -18.87 20.49
C MET B 268 -2.63 -18.63 21.87
N ASN B 269 -1.30 -18.70 21.98
CA ASN B 269 -0.61 -18.27 23.19
C ASN B 269 -0.29 -16.76 23.12
N THR B 270 -0.49 -16.13 21.97
CA THR B 270 -0.40 -14.67 21.87
C THR B 270 -1.37 -14.05 22.88
N THR B 271 -0.97 -12.96 23.55
CA THR B 271 -1.86 -12.25 24.44
C THR B 271 -2.64 -11.19 23.66
N LEU B 272 -3.75 -10.74 24.24
CA LEU B 272 -4.52 -9.64 23.68
C LEU B 272 -3.63 -8.40 23.52
N ARG B 273 -2.82 -8.12 24.55
CA ARG B 273 -1.93 -6.96 24.53
C ARG B 273 -0.96 -7.06 23.33
N GLU B 274 -0.41 -8.27 23.09
CA GLU B 274 0.49 -8.48 21.97
C GLU B 274 -0.23 -8.27 20.64
N VAL B 275 -1.46 -8.75 20.52
CA VAL B 275 -2.23 -8.57 19.29
C VAL B 275 -2.28 -7.08 18.97
N ILE B 276 -2.61 -6.27 19.97
CA ILE B 276 -2.82 -4.85 19.76
C ILE B 276 -1.49 -4.13 19.53
N PHE B 277 -0.50 -4.38 20.38
CA PHE B 277 0.70 -3.55 20.44
C PHE B 277 1.86 -4.13 19.64
N LYS B 278 2.00 -5.45 19.64
CA LYS B 278 3.12 -6.09 18.97
C LYS B 278 2.80 -6.26 17.49
N TYR B 279 1.57 -6.69 17.17
CA TYR B 279 1.22 -7.03 15.80
C TYR B 279 0.47 -5.88 15.12
N ALA B 280 -0.55 -5.29 15.76
CA ALA B 280 -1.39 -4.31 15.08
C ALA B 280 -0.88 -2.87 15.20
N GLY B 281 0.34 -2.69 15.73
CA GLY B 281 1.05 -1.41 15.65
C GLY B 281 0.69 -0.43 16.77
N GLY B 282 -0.11 -0.89 17.74
CA GLY B 282 -0.51 -0.05 18.84
C GLY B 282 -1.75 0.75 18.46
N THR B 283 -2.07 1.76 19.29
CA THR B 283 -3.30 2.50 19.13
C THR B 283 -3.07 3.72 18.26
N LEU B 284 -4.16 4.17 17.62
CA LEU B 284 -4.17 5.45 16.93
C LEU B 284 -3.86 6.54 17.93
N GLY B 285 -2.87 7.37 17.58
CA GLY B 285 -2.44 8.51 18.38
C GLY B 285 -1.76 8.08 19.68
N ASN B 286 -1.39 6.80 19.79
CA ASN B 286 -0.84 6.24 21.02
C ASN B 286 -1.72 6.57 22.22
N LYS B 287 -3.03 6.63 22.00
CA LYS B 287 -3.97 6.84 23.09
C LYS B 287 -4.13 5.54 23.88
N LYS B 288 -4.56 5.67 25.15
CA LYS B 288 -4.71 4.53 26.03
C LYS B 288 -5.90 3.69 25.59
N VAL B 289 -5.72 2.36 25.66
CA VAL B 289 -6.80 1.43 25.41
C VAL B 289 -7.81 1.57 26.55
N LYS B 290 -9.10 1.70 26.19
CA LYS B 290 -10.15 1.76 27.18
C LYS B 290 -10.86 0.41 27.27
N ALA B 291 -11.21 -0.15 26.11
CA ALA B 291 -11.92 -1.43 26.07
C ALA B 291 -11.60 -2.15 24.77
N VAL B 292 -11.74 -3.48 24.82
CA VAL B 292 -11.79 -4.29 23.63
C VAL B 292 -13.14 -4.99 23.59
N PHE B 293 -13.85 -4.81 22.48
CA PHE B 293 -15.07 -5.58 22.24
C PHE B 293 -14.71 -6.83 21.44
N SER B 294 -15.04 -7.99 22.03
CA SER B 294 -14.93 -9.26 21.35
C SER B 294 -16.17 -9.42 20.47
N GLY B 295 -16.09 -8.86 19.25
CA GLY B 295 -17.26 -8.69 18.42
C GLY B 295 -18.42 -8.03 19.19
N ALA B 296 -19.58 -8.69 19.20
CA ALA B 296 -20.73 -8.20 19.94
C ALA B 296 -21.00 -9.06 21.17
N LEU B 297 -19.98 -9.80 21.65
CA LEU B 297 -20.13 -10.80 22.70
C LEU B 297 -19.65 -10.31 24.07
N ASP B 298 -18.40 -9.84 24.16
CA ASP B 298 -17.75 -9.53 25.42
C ASP B 298 -17.07 -8.16 25.32
N CYS B 299 -16.89 -7.53 26.48
CA CYS B 299 -16.13 -6.29 26.62
C CYS B 299 -15.05 -6.52 27.65
N PHE B 300 -13.80 -6.43 27.22
CA PHE B 300 -12.66 -6.52 28.11
C PHE B 300 -12.14 -5.11 28.39
N SER B 301 -11.75 -4.87 29.64
CA SER B 301 -11.18 -3.60 30.06
C SER B 301 -9.66 -3.62 29.85
N SER B 302 -9.03 -2.45 30.04
CA SER B 302 -7.59 -2.31 29.88
C SER B 302 -6.82 -3.06 30.97
N GLU B 303 -7.53 -3.51 32.02
CA GLU B 303 -6.94 -4.35 33.04
C GLU B 303 -6.95 -5.82 32.61
N GLU B 304 -7.50 -6.14 31.44
CA GLU B 304 -7.63 -7.53 31.02
C GLU B 304 -6.87 -7.83 29.73
N LEU B 305 -5.77 -7.11 29.47
CA LEU B 305 -5.09 -7.22 28.19
C LEU B 305 -4.09 -8.36 28.17
N ASP B 306 -3.72 -8.89 29.34
CA ASP B 306 -2.67 -9.88 29.41
C ASP B 306 -3.23 -11.30 29.35
N ILE B 307 -4.43 -11.46 28.77
CA ILE B 307 -5.03 -12.77 28.65
C ILE B 307 -4.59 -13.43 27.35
N PRO B 308 -4.50 -14.78 27.31
CA PRO B 308 -4.21 -15.49 26.07
C PRO B 308 -5.39 -15.53 25.10
N MET B 309 -5.10 -15.58 23.79
CA MET B 309 -6.12 -15.54 22.76
C MET B 309 -6.52 -16.99 22.44
N ASP B 310 -6.91 -17.72 23.49
CA ASP B 310 -7.19 -19.14 23.38
C ASP B 310 -8.61 -19.41 23.89
N TYR B 311 -8.98 -20.70 23.96
CA TYR B 311 -10.30 -21.14 24.35
C TYR B 311 -10.31 -21.55 25.82
N SER B 312 -9.30 -21.12 26.60
CA SER B 312 -9.22 -21.43 28.02
C SER B 312 -10.25 -20.61 28.82
N PRO B 313 -10.58 -20.99 30.07
CA PRO B 313 -11.55 -20.25 30.87
C PRO B 313 -11.23 -18.75 31.07
N LEU B 314 -9.95 -18.42 31.23
CA LEU B 314 -9.52 -17.05 31.43
C LEU B 314 -9.07 -16.40 30.14
N GLY B 315 -9.25 -17.10 29.02
CA GLY B 315 -8.78 -16.66 27.72
C GLY B 315 -9.81 -15.79 27.02
N PHE B 316 -9.43 -15.23 25.88
CA PHE B 316 -10.26 -14.29 25.16
C PHE B 316 -11.48 -15.00 24.55
N GLY B 317 -11.24 -16.16 23.94
CA GLY B 317 -12.30 -17.01 23.44
C GLY B 317 -12.98 -16.37 22.23
N GLY B 318 -14.30 -16.55 22.15
CA GLY B 318 -15.09 -16.06 21.02
C GLY B 318 -14.53 -16.55 19.69
N THR B 319 -14.45 -15.64 18.71
CA THR B 319 -13.91 -15.91 17.38
C THR B 319 -12.56 -15.20 17.19
N GLY B 320 -12.01 -14.67 18.29
CA GLY B 320 -10.80 -13.85 18.25
C GLY B 320 -11.00 -12.48 17.59
N THR B 321 -12.24 -11.97 17.56
CA THR B 321 -12.52 -10.66 17.02
C THR B 321 -12.10 -9.59 18.03
N VAL B 322 -11.29 -8.63 17.57
CA VAL B 322 -10.70 -7.61 18.43
C VAL B 322 -11.05 -6.22 17.90
N ILE B 323 -12.02 -5.56 18.54
CA ILE B 323 -12.36 -4.17 18.26
C ILE B 323 -11.79 -3.32 19.39
N VAL B 324 -10.91 -2.38 19.07
CA VAL B 324 -10.21 -1.58 20.07
C VAL B 324 -10.85 -0.20 20.18
N LEU B 325 -11.25 0.16 21.42
CA LEU B 325 -11.70 1.49 21.78
C LEU B 325 -10.64 2.13 22.67
N THR B 326 -10.41 3.44 22.48
CA THR B 326 -9.42 4.17 23.26
C THR B 326 -10.10 5.19 24.16
N GLU B 327 -9.27 5.92 24.91
CA GLU B 327 -9.70 6.67 26.08
C GLU B 327 -10.81 7.69 25.79
N GLU B 328 -10.89 8.22 24.57
CA GLU B 328 -11.90 9.23 24.28
C GLU B 328 -13.20 8.60 23.77
N ASP B 329 -13.27 7.28 23.55
CA ASP B 329 -14.48 6.67 23.00
C ASP B 329 -15.53 6.48 24.09
N ASP B 330 -16.73 6.99 23.82
CA ASP B 330 -17.83 6.97 24.79
C ASP B 330 -18.36 5.53 24.87
N ILE B 331 -18.29 4.92 26.07
CA ILE B 331 -18.68 3.52 26.21
C ILE B 331 -20.18 3.36 26.03
N VAL B 332 -20.97 4.38 26.39
CA VAL B 332 -22.42 4.26 26.31
C VAL B 332 -22.85 4.36 24.84
N GLU B 333 -22.23 5.26 24.09
CA GLU B 333 -22.45 5.34 22.64
C GLU B 333 -22.13 4.00 21.98
N ALA B 334 -21.03 3.36 22.41
CA ALA B 334 -20.64 2.09 21.82
C ALA B 334 -21.63 0.99 22.21
N ALA B 335 -22.05 0.98 23.47
CA ALA B 335 -23.07 0.03 23.93
C ALA B 335 -24.36 0.16 23.12
N LEU B 336 -24.80 1.39 22.83
CA LEU B 336 -25.97 1.62 22.01
C LEU B 336 -25.82 0.92 20.66
N LYS B 337 -24.62 0.98 20.07
CA LYS B 337 -24.42 0.36 18.76
C LYS B 337 -24.60 -1.14 18.84
N ILE B 338 -24.13 -1.75 19.93
CA ILE B 338 -24.29 -3.17 20.14
C ILE B 338 -25.79 -3.48 20.34
N ALA B 339 -26.49 -2.68 21.15
CA ALA B 339 -27.91 -2.90 21.36
C ALA B 339 -28.66 -2.85 20.03
N GLU B 340 -28.30 -1.88 19.17
CA GLU B 340 -28.92 -1.71 17.86
C GLU B 340 -28.75 -2.96 17.01
N PHE B 341 -27.55 -3.58 17.08
CA PHE B 341 -27.28 -4.79 16.33
C PHE B 341 -28.27 -5.88 16.74
N TYR B 342 -28.40 -6.14 18.03
CA TYR B 342 -29.29 -7.23 18.48
C TYR B 342 -30.75 -6.92 18.17
N GLU B 343 -31.16 -5.66 18.33
CA GLU B 343 -32.48 -5.23 17.92
C GLU B 343 -32.76 -5.61 16.47
N HIS B 344 -31.76 -5.41 15.59
CA HIS B 344 -31.95 -5.64 14.17
C HIS B 344 -31.92 -7.13 13.79
N GLU B 345 -31.42 -8.01 14.68
CA GLU B 345 -31.11 -9.39 14.28
C GLU B 345 -31.91 -10.45 15.05
N THR B 346 -32.63 -10.11 16.14
CA THR B 346 -33.49 -11.11 16.75
C THR B 346 -34.51 -11.56 15.71
N CYS B 347 -34.74 -12.88 15.63
CA CYS B 347 -35.69 -13.42 14.68
C CYS B 347 -37.12 -13.35 15.21
N GLY B 348 -37.30 -13.09 16.51
CA GLY B 348 -38.61 -12.82 17.08
C GLY B 348 -39.41 -14.05 17.55
N GLN B 349 -38.85 -15.26 17.46
CA GLN B 349 -39.57 -16.47 17.84
C GLN B 349 -39.85 -16.53 19.34
N CYS B 350 -38.89 -16.05 20.14
CA CYS B 350 -38.95 -16.18 21.57
C CYS B 350 -39.32 -14.81 22.14
N THR B 351 -40.26 -14.75 23.09
CA THR B 351 -40.83 -13.47 23.48
C THR B 351 -39.79 -12.60 24.19
N PRO B 352 -39.05 -13.06 25.22
CA PRO B 352 -38.11 -12.18 25.92
C PRO B 352 -37.00 -11.69 25.00
N CYS B 353 -36.56 -12.53 24.05
CA CYS B 353 -35.59 -12.07 23.05
C CYS B 353 -36.20 -11.01 22.13
N ARG B 354 -37.38 -11.31 21.58
CA ARG B 354 -38.06 -10.39 20.67
C ARG B 354 -38.26 -9.02 21.31
N VAL B 355 -38.85 -9.00 22.52
CA VAL B 355 -39.21 -7.76 23.19
C VAL B 355 -37.96 -7.14 23.82
N GLY B 356 -37.09 -7.99 24.38
CA GLY B 356 -35.91 -7.53 25.09
C GLY B 356 -34.88 -6.84 24.19
N CYS B 357 -34.61 -7.41 23.00
CA CYS B 357 -33.64 -6.79 22.09
C CYS B 357 -34.18 -5.43 21.64
N TYR B 358 -35.49 -5.35 21.39
CA TYR B 358 -36.09 -4.10 20.95
C TYR B 358 -36.00 -3.06 22.06
N GLU B 359 -36.45 -3.44 23.28
CA GLU B 359 -36.53 -2.50 24.37
C GLU B 359 -35.13 -2.06 24.83
N GLN B 360 -34.17 -2.99 24.82
CA GLN B 360 -32.81 -2.66 25.22
C GLN B 360 -32.31 -1.49 24.36
N ALA B 361 -32.51 -1.57 23.04
CA ALA B 361 -32.03 -0.52 22.15
C ALA B 361 -32.86 0.76 22.29
N ASN B 362 -34.18 0.60 22.38
CA ASN B 362 -35.08 1.75 22.45
C ASN B 362 -34.81 2.59 23.70
N LEU B 363 -34.64 1.92 24.85
CA LEU B 363 -34.38 2.61 26.09
C LEU B 363 -32.95 3.16 26.16
N LEU B 364 -31.98 2.39 25.65
CA LEU B 364 -30.60 2.86 25.68
C LEU B 364 -30.47 4.13 24.83
N GLU B 365 -31.22 4.20 23.72
CA GLU B 365 -31.20 5.38 22.88
C GLU B 365 -31.74 6.59 23.66
N LYS B 366 -32.82 6.38 24.42
CA LYS B 366 -33.36 7.43 25.27
C LYS B 366 -32.28 7.87 26.27
N ILE B 367 -31.60 6.90 26.88
CA ILE B 367 -30.58 7.20 27.86
C ILE B 367 -29.48 8.05 27.22
N TYR B 368 -29.01 7.60 26.06
CA TYR B 368 -27.91 8.24 25.37
C TYR B 368 -28.27 9.70 25.05
N LYS B 369 -29.51 9.92 24.64
CA LYS B 369 -29.94 11.25 24.20
C LYS B 369 -30.33 12.14 25.37
N GLY B 370 -30.31 11.62 26.61
CA GLY B 370 -30.68 12.41 27.76
C GLY B 370 -32.19 12.60 27.89
N GLU B 371 -32.98 11.66 27.36
CA GLU B 371 -34.43 11.77 27.35
C GLU B 371 -35.06 10.65 28.19
N ALA B 372 -34.26 9.93 28.97
CA ALA B 372 -34.76 8.79 29.71
C ALA B 372 -35.34 9.23 31.05
N THR B 373 -36.55 8.73 31.38
CA THR B 373 -37.10 8.91 32.71
C THR B 373 -36.39 7.99 33.68
N GLU B 374 -36.65 8.17 34.98
CA GLU B 374 -36.16 7.24 35.99
C GLU B 374 -36.69 5.83 35.71
N GLN B 375 -37.97 5.72 35.32
CA GLN B 375 -38.54 4.43 34.95
C GLN B 375 -37.81 3.81 33.77
N ASP B 376 -37.42 4.64 32.80
CA ASP B 376 -36.70 4.15 31.63
C ASP B 376 -35.36 3.53 32.04
N TRP B 377 -34.63 4.19 32.95
CA TRP B 377 -33.39 3.68 33.50
C TRP B 377 -33.58 2.32 34.17
N GLU B 378 -34.57 2.22 35.07
CA GLU B 378 -34.84 0.98 35.78
C GLU B 378 -35.29 -0.11 34.81
N GLY B 379 -36.09 0.28 33.81
CA GLY B 379 -36.57 -0.63 32.78
C GLY B 379 -35.44 -1.19 31.93
N PHE B 380 -34.51 -0.31 31.53
CA PHE B 380 -33.34 -0.69 30.78
C PHE B 380 -32.56 -1.77 31.53
N ASP B 381 -32.32 -1.55 32.81
CA ASP B 381 -31.56 -2.49 33.63
C ASP B 381 -32.28 -3.84 33.65
N PHE B 382 -33.59 -3.81 33.91
CA PHE B 382 -34.41 -5.01 33.97
C PHE B 382 -34.35 -5.76 32.65
N VAL B 383 -34.60 -5.05 31.53
CA VAL B 383 -34.68 -5.70 30.24
C VAL B 383 -33.34 -6.35 29.89
N ASN B 384 -32.25 -5.62 30.14
CA ASN B 384 -30.91 -6.10 29.86
C ASN B 384 -30.66 -7.45 30.53
N ARG B 385 -31.26 -7.66 31.70
CA ARG B 385 -31.06 -8.86 32.46
C ARG B 385 -32.08 -9.95 32.09
N ASN B 386 -33.01 -9.67 31.17
CA ASN B 386 -34.15 -10.57 30.96
C ASN B 386 -34.42 -10.82 29.47
N ILE B 387 -33.37 -10.84 28.66
CA ILE B 387 -33.49 -11.19 27.25
C ILE B 387 -33.41 -12.71 27.09
N GLN B 388 -32.63 -13.36 27.96
N GLN B 388 -32.63 -13.36 27.96
CA GLN B 388 -32.27 -14.78 27.79
CA GLN B 388 -32.28 -14.76 27.81
C GLN B 388 -33.43 -15.73 28.09
C GLN B 388 -33.44 -15.72 28.08
N PRO B 389 -34.31 -15.52 29.10
CA PRO B 389 -35.32 -16.53 29.44
C PRO B 389 -36.14 -17.07 28.26
N THR B 390 -36.21 -18.41 28.18
CA THR B 390 -36.95 -19.20 27.19
C THR B 390 -36.29 -19.17 25.80
N SER B 391 -35.14 -18.51 25.66
CA SER B 391 -34.46 -18.42 24.38
C SER B 391 -34.07 -19.81 23.87
N ILE B 392 -34.24 -20.05 22.57
CA ILE B 392 -33.87 -21.35 22.03
C ILE B 392 -32.55 -21.29 21.26
N CYS B 393 -31.92 -20.11 21.12
CA CYS B 393 -30.61 -20.03 20.49
C CYS B 393 -29.72 -19.05 21.26
N GLY B 394 -28.44 -18.99 20.85
CA GLY B 394 -27.42 -18.22 21.54
C GLY B 394 -27.61 -16.71 21.48
N LEU B 395 -28.38 -16.19 20.50
CA LEU B 395 -28.55 -14.75 20.35
C LEU B 395 -29.22 -14.19 21.59
N GLY B 396 -30.32 -14.82 22.02
CA GLY B 396 -31.07 -14.38 23.19
C GLY B 396 -30.22 -14.48 24.45
N ALA B 397 -29.40 -15.52 24.51
CA ALA B 397 -28.51 -15.77 25.63
C ALA B 397 -27.42 -14.70 25.77
N VAL B 398 -27.01 -14.02 24.67
CA VAL B 398 -25.89 -13.08 24.77
C VAL B 398 -26.28 -11.65 24.42
N ALA B 399 -27.54 -11.37 24.10
CA ALA B 399 -27.88 -10.04 23.60
C ALA B 399 -27.61 -8.96 24.65
N GLY B 400 -27.60 -9.32 25.95
CA GLY B 400 -27.36 -8.35 26.99
C GLY B 400 -25.96 -8.44 27.61
N ARG B 401 -25.15 -9.40 27.16
CA ARG B 401 -23.93 -9.79 27.84
C ARG B 401 -22.89 -8.66 27.82
N LEU B 402 -22.49 -8.22 26.62
CA LEU B 402 -21.48 -7.17 26.48
C LEU B 402 -21.95 -5.90 27.20
N ILE B 403 -23.22 -5.54 27.02
CA ILE B 403 -23.72 -4.31 27.61
C ILE B 403 -23.64 -4.37 29.13
N ARG B 404 -24.01 -5.52 29.71
CA ARG B 404 -23.93 -5.71 31.15
C ARG B 404 -22.47 -5.58 31.57
N GLN B 405 -21.53 -6.13 30.79
CA GLN B 405 -20.12 -6.00 31.14
C GLN B 405 -19.70 -4.52 31.19
N THR B 406 -20.19 -3.69 30.26
CA THR B 406 -19.84 -2.27 30.27
C THR B 406 -20.40 -1.61 31.52
N LEU B 407 -21.58 -2.07 31.97
CA LEU B 407 -22.21 -1.49 33.13
C LEU B 407 -21.36 -1.77 34.38
N GLU B 408 -20.77 -2.97 34.43
CA GLU B 408 -19.98 -3.42 35.56
C GLU B 408 -18.57 -2.83 35.52
N LYS B 409 -18.00 -2.69 34.33
CA LYS B 409 -16.60 -2.32 34.20
C LYS B 409 -16.42 -0.81 34.07
N PHE B 410 -17.47 -0.08 33.64
CA PHE B 410 -17.36 1.36 33.45
C PHE B 410 -18.52 2.08 34.14
N PRO B 411 -18.72 1.85 35.46
CA PRO B 411 -19.87 2.41 36.17
C PRO B 411 -19.90 3.94 36.15
N GLU B 412 -18.71 4.54 36.31
CA GLU B 412 -18.57 5.99 36.36
C GLU B 412 -19.12 6.63 35.08
N GLU B 413 -18.83 6.06 33.90
CA GLU B 413 -19.34 6.64 32.66
C GLU B 413 -20.87 6.51 32.57
N TRP B 414 -21.40 5.34 32.92
CA TRP B 414 -22.85 5.16 32.93
C TRP B 414 -23.51 6.13 33.92
N GLU B 415 -22.93 6.28 35.11
CA GLU B 415 -23.49 7.16 36.14
C GLU B 415 -23.65 8.58 35.58
N LYS B 416 -22.70 9.03 34.74
CA LYS B 416 -22.74 10.36 34.16
C LYS B 416 -24.02 10.54 33.35
N TYR B 417 -24.48 9.48 32.69
CA TYR B 417 -25.67 9.55 31.87
C TYR B 417 -26.93 9.59 32.75
N ARG B 418 -26.89 8.87 33.87
CA ARG B 418 -28.01 8.81 34.81
C ARG B 418 -28.18 10.14 35.55
N LYS B 419 -27.06 10.78 35.94
CA LYS B 419 -27.10 12.10 36.55
C LYS B 419 -27.34 13.16 35.46
N THR C 4 42.72 -17.18 9.69
CA THR C 4 42.01 -18.02 8.70
C THR C 4 41.28 -17.11 7.70
N GLU C 5 40.73 -17.72 6.63
CA GLU C 5 40.05 -16.98 5.58
C GLU C 5 38.92 -16.16 6.17
N PHE C 6 38.71 -14.95 5.62
CA PHE C 6 37.75 -14.00 6.16
C PHE C 6 36.33 -14.49 5.91
N GLU C 7 35.44 -14.24 6.89
CA GLU C 7 34.04 -14.61 6.79
C GLU C 7 33.17 -13.51 7.36
N PHE C 8 32.03 -13.25 6.70
CA PHE C 8 31.06 -12.29 7.17
C PHE C 8 30.39 -12.82 8.43
N PRO C 9 30.26 -12.01 9.50
CA PRO C 9 29.43 -12.39 10.64
C PRO C 9 27.99 -12.63 10.15
N GLU C 10 27.29 -13.56 10.82
CA GLU C 10 26.01 -14.09 10.36
C GLU C 10 25.00 -12.95 10.22
N GLU C 11 25.05 -12.02 11.18
CA GLU C 11 24.23 -10.82 11.19
C GLU C 11 24.35 -10.09 9.84
N LEU C 12 25.58 -9.95 9.35
CA LEU C 12 25.86 -9.18 8.15
C LEU C 12 25.52 -10.01 6.91
N LYS C 13 25.95 -11.28 6.94
CA LYS C 13 25.71 -12.22 5.85
C LYS C 13 24.22 -12.29 5.52
N THR C 14 23.37 -12.36 6.57
CA THR C 14 21.92 -12.42 6.41
C THR C 14 21.44 -11.19 5.65
N LYS C 15 21.93 -10.01 6.03
CA LYS C 15 21.51 -8.79 5.36
C LYS C 15 21.96 -8.80 3.91
N LEU C 16 23.18 -9.29 3.64
CA LEU C 16 23.71 -9.36 2.29
C LEU C 16 22.85 -10.28 1.43
N GLN C 17 22.40 -11.40 1.99
CA GLN C 17 21.63 -12.40 1.25
C GLN C 17 20.25 -11.85 0.89
N GLU C 18 19.70 -11.04 1.79
CA GLU C 18 18.46 -10.30 1.59
C GLU C 18 18.56 -9.44 0.33
N HIS C 19 19.60 -8.61 0.24
CA HIS C 19 19.80 -7.74 -0.91
C HIS C 19 19.97 -8.55 -2.18
N ILE C 20 20.77 -9.63 -2.09
CA ILE C 20 21.08 -10.47 -3.24
C ILE C 20 19.81 -11.15 -3.75
N ASN C 21 18.86 -11.42 -2.85
CA ASN C 21 17.59 -12.06 -3.20
C ASN C 21 16.52 -11.05 -3.65
N TYR C 22 16.80 -9.74 -3.48
CA TYR C 22 15.80 -8.69 -3.68
C TYR C 22 15.56 -8.45 -5.16
N PHE C 23 16.64 -8.23 -5.94
CA PHE C 23 16.50 -8.00 -7.37
C PHE C 23 16.36 -9.32 -8.12
N PRO C 24 15.88 -9.31 -9.39
CA PRO C 24 15.80 -10.56 -10.16
C PRO C 24 17.16 -11.22 -10.41
N LYS C 25 18.22 -10.43 -10.60
CA LYS C 25 19.56 -10.99 -10.77
C LYS C 25 20.43 -10.62 -9.58
N LYS C 26 21.27 -11.57 -9.14
CA LYS C 26 22.09 -11.39 -7.96
C LYS C 26 23.04 -10.21 -8.12
N ARG C 27 23.64 -10.05 -9.31
CA ARG C 27 24.68 -9.06 -9.50
C ARG C 27 24.14 -7.64 -9.37
N GLN C 28 22.82 -7.46 -9.51
CA GLN C 28 22.22 -6.14 -9.34
C GLN C 28 22.37 -5.64 -7.91
N ALA C 29 22.64 -6.54 -6.94
CA ALA C 29 22.66 -6.17 -5.54
C ALA C 29 24.02 -5.63 -5.08
N ILE C 30 24.99 -5.49 -5.99
CA ILE C 30 26.37 -5.21 -5.62
C ILE C 30 26.49 -3.90 -4.81
N LEU C 31 25.83 -2.81 -5.22
CA LEU C 31 25.98 -1.56 -4.50
C LEU C 31 25.28 -1.61 -3.13
N LEU C 32 24.09 -2.22 -3.06
CA LEU C 32 23.41 -2.36 -1.78
C LEU C 32 24.28 -3.15 -0.80
N CYS C 33 24.92 -4.21 -1.31
CA CYS C 33 25.81 -5.03 -0.50
C CYS C 33 27.00 -4.22 0.01
N LEU C 34 27.60 -3.40 -0.86
CA LEU C 34 28.77 -2.63 -0.48
C LEU C 34 28.40 -1.55 0.54
N HIS C 35 27.22 -0.94 0.39
CA HIS C 35 26.76 0.01 1.40
C HIS C 35 26.63 -0.71 2.75
N GLU C 36 26.12 -1.94 2.69
CA GLU C 36 25.87 -2.70 3.91
C GLU C 36 27.19 -3.00 4.62
N ILE C 37 28.18 -3.46 3.85
CA ILE C 37 29.50 -3.78 4.37
C ILE C 37 30.11 -2.54 5.01
N GLN C 38 29.98 -1.38 4.36
CA GLN C 38 30.61 -0.16 4.84
C GLN C 38 29.89 0.33 6.10
N ASN C 39 28.57 0.20 6.11
CA ASN C 39 27.80 0.49 7.29
C ASN C 39 28.30 -0.36 8.46
N TYR C 40 28.59 -1.64 8.19
CA TYR C 40 28.90 -2.60 9.24
C TYR C 40 30.30 -2.38 9.80
N TYR C 41 31.31 -2.19 8.93
CA TYR C 41 32.71 -2.15 9.35
C TYR C 41 33.21 -0.71 9.53
N GLY C 42 32.52 0.28 8.95
CA GLY C 42 32.99 1.66 8.96
C GLY C 42 33.88 1.99 7.76
N TYR C 43 33.99 1.03 6.83
CA TYR C 43 34.75 1.12 5.60
C TYR C 43 34.53 -0.20 4.84
N ILE C 44 35.10 -0.32 3.63
CA ILE C 44 35.11 -1.59 2.91
C ILE C 44 36.43 -2.30 3.21
N PRO C 45 36.47 -3.36 4.05
CA PRO C 45 37.72 -4.13 4.22
C PRO C 45 38.10 -4.80 2.90
N PRO C 46 39.36 -4.63 2.41
CA PRO C 46 39.84 -5.34 1.23
C PRO C 46 39.51 -6.83 1.19
N GLU C 47 39.64 -7.50 2.35
CA GLU C 47 39.44 -8.94 2.48
C GLU C 47 37.97 -9.34 2.31
N SER C 48 37.03 -8.37 2.41
CA SER C 48 35.61 -8.67 2.29
C SER C 48 35.18 -8.87 0.85
N LEU C 49 35.98 -8.42 -0.12
CA LEU C 49 35.53 -8.33 -1.51
C LEU C 49 35.46 -9.72 -2.16
N LYS C 50 36.40 -10.59 -1.80
CA LYS C 50 36.45 -11.94 -2.36
C LYS C 50 35.19 -12.72 -1.96
N PRO C 51 34.84 -12.79 -0.65
CA PRO C 51 33.59 -13.43 -0.23
C PRO C 51 32.35 -12.82 -0.90
N LEU C 52 32.36 -11.50 -1.07
CA LEU C 52 31.21 -10.82 -1.65
C LEU C 52 31.07 -11.26 -3.12
N ALA C 53 32.20 -11.28 -3.83
CA ALA C 53 32.22 -11.67 -5.23
C ALA C 53 31.58 -13.05 -5.38
N ASP C 54 31.96 -13.98 -4.50
CA ASP C 54 31.40 -15.33 -4.50
C ASP C 54 29.89 -15.30 -4.35
N MET C 55 29.36 -14.46 -3.45
CA MET C 55 27.93 -14.40 -3.18
C MET C 55 27.20 -13.82 -4.40
N LEU C 56 27.84 -12.87 -5.09
CA LEU C 56 27.26 -12.22 -6.25
C LEU C 56 27.47 -13.05 -7.52
N GLU C 57 28.30 -14.10 -7.42
CA GLU C 57 28.68 -14.91 -8.57
C GLU C 57 29.35 -14.02 -9.62
N LEU C 58 30.20 -13.10 -9.15
CA LEU C 58 30.99 -12.20 -9.98
C LEU C 58 32.47 -12.48 -9.76
N PRO C 59 33.35 -12.19 -10.75
CA PRO C 59 34.79 -12.30 -10.51
C PRO C 59 35.25 -11.17 -9.58
N LEU C 60 36.35 -11.41 -8.84
CA LEU C 60 36.82 -10.46 -7.84
C LEU C 60 37.16 -9.12 -8.49
N ASN C 61 37.77 -9.15 -9.67
CA ASN C 61 38.27 -7.91 -10.25
C ASN C 61 37.09 -7.01 -10.65
N HIS C 62 35.95 -7.62 -10.96
CA HIS C 62 34.73 -6.86 -11.26
C HIS C 62 34.32 -6.07 -10.03
N VAL C 63 34.29 -6.75 -8.88
CA VAL C 63 33.86 -6.12 -7.64
C VAL C 63 34.87 -5.02 -7.26
N GLU C 64 36.17 -5.31 -7.41
CA GLU C 64 37.21 -4.35 -7.06
C GLU C 64 37.04 -3.08 -7.88
N GLY C 65 36.77 -3.24 -9.18
CA GLY C 65 36.57 -2.10 -10.07
C GLY C 65 35.38 -1.24 -9.66
N VAL C 66 34.30 -1.92 -9.24
CA VAL C 66 33.10 -1.25 -8.80
C VAL C 66 33.41 -0.43 -7.55
N VAL C 67 34.15 -1.02 -6.59
CA VAL C 67 34.46 -0.31 -5.36
C VAL C 67 35.30 0.93 -5.67
N ALA C 68 36.28 0.79 -6.57
CA ALA C 68 37.16 1.89 -6.94
C ALA C 68 36.37 3.01 -7.62
N PHE C 69 35.35 2.63 -8.40
CA PHE C 69 34.62 3.60 -9.22
C PHE C 69 33.75 4.54 -8.38
N TYR C 70 33.09 4.00 -7.36
CA TYR C 70 32.02 4.72 -6.67
C TYR C 70 32.56 5.43 -5.43
N ASP C 71 32.44 6.76 -5.41
CA ASP C 71 33.16 7.62 -4.47
C ASP C 71 32.65 7.48 -3.03
N MET C 72 31.44 6.96 -2.81
CA MET C 72 30.96 6.82 -1.45
C MET C 72 31.75 5.75 -0.68
N PHE C 73 32.31 4.75 -1.39
CA PHE C 73 33.00 3.66 -0.72
C PHE C 73 34.45 4.04 -0.42
N ASP C 74 34.92 3.57 0.73
CA ASP C 74 36.22 3.92 1.28
C ASP C 74 36.90 2.62 1.73
N ARG C 75 38.01 2.26 1.09
CA ARG C 75 38.77 1.09 1.48
C ARG C 75 39.93 1.43 2.43
N GLU C 76 40.19 2.72 2.66
CA GLU C 76 41.40 3.15 3.33
C GLU C 76 41.18 3.33 4.83
N ASP C 77 40.13 4.09 5.21
CA ASP C 77 39.98 4.58 6.58
C ASP C 77 38.67 4.11 7.20
N LYS C 78 38.79 3.48 8.38
CA LYS C 78 37.64 3.15 9.20
C LYS C 78 37.20 4.40 9.96
N ALA C 79 35.90 4.69 9.94
CA ALA C 79 35.33 5.73 10.77
C ALA C 79 33.91 5.35 11.19
N LYS C 80 33.56 5.64 12.45
CA LYS C 80 32.23 5.37 12.96
C LYS C 80 31.24 6.31 12.28
N TYR C 81 31.62 7.59 12.15
CA TYR C 81 30.77 8.61 11.55
C TYR C 81 31.50 9.36 10.45
N ARG C 82 30.91 9.35 9.25
N ARG C 82 30.91 9.35 9.24
CA ARG C 82 31.41 10.13 8.13
CA ARG C 82 31.43 10.12 8.12
C ARG C 82 30.68 11.47 8.06
C ARG C 82 30.69 11.46 8.04
N ILE C 83 31.43 12.56 8.23
CA ILE C 83 30.89 13.89 8.08
C ILE C 83 31.14 14.31 6.64
N ARG C 84 30.10 14.20 5.80
CA ARG C 84 30.20 14.54 4.40
C ARG C 84 29.90 16.03 4.25
N VAL C 85 30.89 16.77 3.73
CA VAL C 85 30.79 18.22 3.64
C VAL C 85 30.75 18.62 2.17
N CYS C 86 29.67 19.30 1.78
CA CYS C 86 29.54 19.73 0.40
C CYS C 86 30.52 20.86 0.12
N VAL C 87 31.30 20.69 -0.95
CA VAL C 87 32.30 21.66 -1.39
C VAL C 87 31.94 22.21 -2.78
N SER C 88 30.73 21.96 -3.26
CA SER C 88 30.29 22.44 -4.57
C SER C 88 29.84 23.89 -4.50
N ILE C 89 29.41 24.43 -5.64
CA ILE C 89 29.30 25.87 -5.85
C ILE C 89 28.42 26.56 -4.80
N VAL C 90 27.21 26.05 -4.55
CA VAL C 90 26.25 26.78 -3.73
C VAL C 90 26.72 26.81 -2.28
N CYS C 91 27.10 25.66 -1.74
CA CYS C 91 27.65 25.61 -0.40
C CYS C 91 28.89 26.49 -0.26
N HIS C 92 29.75 26.49 -1.29
CA HIS C 92 30.94 27.32 -1.27
C HIS C 92 30.56 28.79 -1.11
N LEU C 93 29.60 29.24 -1.94
CA LEU C 93 29.10 30.61 -1.91
C LEU C 93 28.55 30.98 -0.53
N MET C 94 27.89 30.02 0.11
CA MET C 94 27.10 30.29 1.31
C MET C 94 27.83 29.92 2.60
N GLY C 95 29.01 29.27 2.55
CA GLY C 95 29.86 29.18 3.74
C GLY C 95 30.53 27.83 4.03
N THR C 96 30.81 26.99 3.02
CA THR C 96 31.56 25.78 3.26
C THR C 96 32.79 26.06 4.13
N ASN C 97 33.52 27.15 3.88
CA ASN C 97 34.78 27.38 4.58
C ASN C 97 34.55 27.60 6.07
N LYS C 98 33.42 28.23 6.43
CA LYS C 98 33.08 28.46 7.83
C LYS C 98 32.74 27.15 8.53
N LEU C 99 32.01 26.28 7.84
CA LEU C 99 31.74 24.93 8.32
C LEU C 99 33.04 24.15 8.53
N LEU C 100 33.97 24.20 7.58
CA LEU C 100 35.22 23.47 7.71
C LEU C 100 36.03 24.00 8.89
N LYS C 101 36.05 25.33 9.07
CA LYS C 101 36.77 25.94 10.18
C LYS C 101 36.16 25.48 11.49
N ALA C 102 34.82 25.54 11.58
CA ALA C 102 34.14 25.10 12.79
C ALA C 102 34.47 23.62 13.08
N LEU C 103 34.48 22.79 12.03
CA LEU C 103 34.80 21.38 12.20
C LEU C 103 36.21 21.22 12.73
N GLU C 104 37.15 22.03 12.21
CA GLU C 104 38.52 21.95 12.67
C GLU C 104 38.63 22.37 14.14
N ASN C 105 37.94 23.45 14.52
CA ASN C 105 37.93 23.93 15.89
C ASN C 105 37.37 22.86 16.85
N ILE C 106 36.27 22.20 16.47
CA ILE C 106 35.63 21.23 17.35
C ILE C 106 36.41 19.91 17.40
N LEU C 107 36.82 19.38 16.24
CA LEU C 107 37.27 18.00 16.10
C LEU C 107 38.79 17.89 15.92
N GLY C 108 39.43 18.97 15.47
CA GLY C 108 40.89 18.98 15.31
C GLY C 108 41.35 18.36 13.99
N ILE C 109 40.44 18.14 13.03
CA ILE C 109 40.78 17.50 11.77
C ILE C 109 40.29 18.33 10.58
N LYS C 110 40.92 18.07 9.42
CA LYS C 110 40.61 18.71 8.16
C LYS C 110 40.04 17.69 7.19
N PRO C 111 39.50 18.10 6.02
CA PRO C 111 39.00 17.14 5.03
C PRO C 111 39.99 16.02 4.73
N GLY C 112 39.48 14.80 4.63
CA GLY C 112 40.30 13.62 4.34
C GLY C 112 40.86 12.96 5.60
N GLU C 113 40.79 13.62 6.76
CA GLU C 113 41.41 13.10 7.97
C GLU C 113 40.37 12.45 8.89
N VAL C 114 40.84 11.57 9.78
CA VAL C 114 40.01 10.88 10.78
C VAL C 114 40.51 11.28 12.17
N THR C 115 39.58 11.50 13.12
CA THR C 115 39.99 11.80 14.50
C THR C 115 40.75 10.59 15.03
N PRO C 116 41.68 10.76 16.02
CA PRO C 116 42.51 9.66 16.47
C PRO C 116 41.78 8.52 17.18
N ASP C 117 40.54 8.78 17.61
CA ASP C 117 39.68 7.77 18.24
C ASP C 117 38.96 6.94 17.18
N GLY C 118 39.08 7.29 15.90
CA GLY C 118 38.38 6.58 14.84
C GLY C 118 36.91 7.00 14.71
N LYS C 119 36.52 8.05 15.43
CA LYS C 119 35.11 8.40 15.57
C LYS C 119 34.60 9.12 14.33
N PHE C 120 35.31 10.17 13.90
CA PHE C 120 34.81 11.02 12.82
C PHE C 120 35.84 11.14 11.68
N LYS C 121 35.35 11.03 10.44
CA LYS C 121 36.14 11.37 9.27
C LYS C 121 35.41 12.46 8.48
N ILE C 122 36.12 13.53 8.12
CA ILE C 122 35.56 14.53 7.22
C ILE C 122 35.83 14.11 5.79
N VAL C 123 34.74 14.04 5.01
CA VAL C 123 34.73 13.62 3.62
C VAL C 123 34.19 14.76 2.76
N PRO C 124 35.04 15.42 1.93
CA PRO C 124 34.56 16.45 1.01
C PRO C 124 33.76 15.78 -0.11
N VAL C 125 32.57 16.30 -0.41
CA VAL C 125 31.69 15.68 -1.38
C VAL C 125 31.14 16.74 -2.33
N GLN C 126 30.67 16.29 -3.49
CA GLN C 126 29.97 17.14 -4.45
C GLN C 126 28.54 17.38 -3.96
N CYS C 127 27.84 18.30 -4.63
CA CYS C 127 26.49 18.74 -4.29
C CYS C 127 25.62 17.59 -3.77
N LEU C 128 25.09 17.79 -2.56
CA LEU C 128 24.22 16.83 -1.90
C LEU C 128 22.73 17.06 -2.20
N GLY C 129 22.39 17.95 -3.12
CA GLY C 129 20.99 18.16 -3.45
C GLY C 129 20.19 18.75 -2.29
N ALA C 130 20.77 19.71 -1.54
CA ALA C 130 20.03 20.45 -0.53
C ALA C 130 20.48 21.91 -0.53
N CYS C 131 20.69 22.46 -1.72
CA CYS C 131 21.47 23.68 -1.91
C CYS C 131 20.79 24.90 -1.28
N SER C 132 19.45 24.89 -1.21
CA SER C 132 18.72 25.94 -0.53
C SER C 132 19.10 26.03 0.95
N GLU C 133 19.58 24.93 1.52
CA GLU C 133 19.99 24.87 2.92
C GLU C 133 21.50 24.93 3.09
N ALA C 134 22.19 25.47 2.08
CA ALA C 134 23.63 25.58 2.10
C ALA C 134 24.07 26.43 3.28
N PRO C 135 25.24 26.17 3.91
CA PRO C 135 26.12 25.04 3.57
C PRO C 135 25.64 23.75 4.21
N VAL C 136 25.68 22.64 3.44
CA VAL C 136 25.09 21.38 3.83
C VAL C 136 26.19 20.39 4.25
N PHE C 137 25.89 19.58 5.28
CA PHE C 137 26.71 18.42 5.58
C PHE C 137 25.81 17.25 5.99
N MET C 138 26.40 16.05 5.94
CA MET C 138 25.76 14.86 6.47
C MET C 138 26.61 14.30 7.60
N VAL C 139 25.96 13.64 8.55
CA VAL C 139 26.64 12.78 9.50
C VAL C 139 26.04 11.39 9.32
N ASN C 140 26.80 10.49 8.67
CA ASN C 140 26.26 9.23 8.17
C ASN C 140 25.03 9.60 7.34
N ASP C 141 23.85 9.06 7.69
CA ASP C 141 22.67 9.22 6.84
C ASP C 141 21.92 10.53 7.15
N ASP C 142 22.23 11.18 8.28
CA ASP C 142 21.56 12.41 8.69
C ASP C 142 22.11 13.61 7.93
N GLU C 143 21.26 14.55 7.51
CA GLU C 143 21.70 15.71 6.74
C GLU C 143 21.22 17.00 7.40
N TYR C 144 22.06 18.04 7.36
CA TYR C 144 21.85 19.26 8.11
C TYR C 144 22.39 20.49 7.36
N LYS C 145 21.77 21.64 7.66
CA LYS C 145 22.34 22.94 7.37
C LYS C 145 23.27 23.36 8.51
N PHE C 146 24.48 23.83 8.15
CA PHE C 146 25.37 24.48 9.08
C PHE C 146 24.96 25.94 9.29
N GLU C 147 24.78 26.30 10.57
CA GLU C 147 24.40 27.66 10.97
C GLU C 147 25.57 28.38 11.66
N SER C 148 26.30 27.68 12.55
CA SER C 148 27.33 28.27 13.38
C SER C 148 28.09 27.18 14.13
N GLU C 149 29.23 27.54 14.72
CA GLU C 149 30.03 26.60 15.48
C GLU C 149 29.26 26.05 16.69
N VAL C 150 28.50 26.91 17.40
CA VAL C 150 27.76 26.46 18.58
C VAL C 150 26.70 25.45 18.13
N GLN C 151 26.04 25.75 17.01
CA GLN C 151 24.96 24.92 16.51
C GLN C 151 25.52 23.58 16.04
N LEU C 152 26.70 23.63 15.38
CA LEU C 152 27.34 22.43 14.86
C LEU C 152 27.77 21.54 16.02
N ASN C 153 28.32 22.17 17.07
CA ASN C 153 28.80 21.45 18.22
C ASN C 153 27.66 20.64 18.85
N GLU C 154 26.46 21.25 18.94
CA GLU C 154 25.31 20.59 19.51
C GLU C 154 24.89 19.39 18.64
N ILE C 155 24.89 19.55 17.31
CA ILE C 155 24.57 18.46 16.40
C ILE C 155 25.54 17.32 16.63
N LEU C 156 26.85 17.61 16.63
CA LEU C 156 27.85 16.56 16.72
C LEU C 156 27.75 15.82 18.06
N SER C 157 27.27 16.50 19.10
CA SER C 157 27.13 15.89 20.41
C SER C 157 26.11 14.73 20.40
N ARG C 158 25.26 14.67 19.37
CA ARG C 158 24.25 13.62 19.29
C ARG C 158 24.85 12.29 18.83
N TYR C 159 26.09 12.32 18.33
CA TYR C 159 26.75 11.14 17.78
C TYR C 159 27.82 10.69 18.76
N THR C 160 27.58 9.55 19.43
CA THR C 160 28.28 9.21 20.64
C THR C 160 29.26 8.09 20.41
N ARG D 2 7.67 5.20 10.71
CA ARG D 2 8.96 4.75 11.30
C ARG D 2 9.95 5.93 11.28
N SER D 3 11.08 5.77 11.96
CA SER D 3 12.10 6.81 12.05
C SER D 3 12.97 6.83 10.77
N TYR D 4 13.10 8.01 10.14
CA TYR D 4 13.94 8.17 8.97
C TYR D 4 15.10 9.08 9.34
N PRO D 5 16.22 9.09 8.56
CA PRO D 5 17.32 10.00 8.82
C PRO D 5 16.86 11.46 8.72
N ALA D 6 17.61 12.35 9.38
CA ALA D 6 17.32 13.77 9.37
C ALA D 6 17.47 14.34 7.97
N ILE D 7 16.51 15.21 7.61
CA ILE D 7 16.49 15.90 6.32
C ILE D 7 16.28 17.38 6.60
N PRO D 8 17.04 18.29 5.96
CA PRO D 8 16.77 19.72 6.08
C PRO D 8 15.36 19.97 5.55
N ARG D 9 14.66 20.95 6.15
CA ARG D 9 13.32 21.30 5.72
C ARG D 9 13.39 22.36 4.63
N ILE D 10 13.59 21.93 3.40
CA ILE D 10 13.62 22.80 2.24
C ILE D 10 12.25 23.47 2.10
N TYR D 11 12.26 24.80 1.93
CA TYR D 11 11.06 25.57 1.69
C TYR D 11 10.49 25.21 0.31
N ALA D 12 9.15 25.13 0.24
CA ALA D 12 8.44 24.79 -0.98
C ALA D 12 7.18 25.64 -1.08
N GLU D 13 6.90 26.14 -2.29
CA GLU D 13 5.78 27.07 -2.49
C GLU D 13 5.22 26.79 -3.88
N THR D 14 3.89 26.89 -4.02
CA THR D 14 3.24 26.59 -5.29
C THR D 14 2.12 27.58 -5.58
N THR D 15 2.02 27.97 -6.86
CA THR D 15 0.87 28.71 -7.35
C THR D 15 -0.12 27.78 -8.04
N LEU D 16 0.20 26.48 -8.20
CA LEU D 16 -0.62 25.57 -8.99
C LEU D 16 -1.24 24.47 -8.13
N ASN D 17 -0.57 24.13 -7.02
CA ASN D 17 -1.09 23.16 -6.07
C ASN D 17 -1.30 21.80 -6.74
N MET D 18 -0.30 21.33 -7.49
CA MET D 18 -0.33 20.03 -8.15
C MET D 18 0.76 19.13 -7.57
N LEU D 19 1.98 19.18 -8.12
CA LEU D 19 3.09 18.37 -7.61
C LEU D 19 3.40 18.67 -6.15
N LEU D 20 3.21 19.93 -5.70
CA LEU D 20 3.53 20.34 -4.35
C LEU D 20 2.27 20.45 -3.46
N LYS D 21 1.14 19.90 -3.88
CA LYS D 21 -0.08 20.01 -3.07
C LYS D 21 0.18 19.52 -1.64
N ARG D 22 0.90 18.39 -1.52
CA ARG D 22 1.25 17.83 -0.23
C ARG D 22 2.70 18.16 0.10
N ALA D 23 3.58 18.13 -0.91
CA ALA D 23 5.01 18.27 -0.68
C ALA D 23 5.40 19.69 -0.29
N LYS D 24 4.45 20.63 -0.30
CA LYS D 24 4.72 21.96 0.25
C LYS D 24 4.84 21.91 1.78
N LYS D 25 4.33 20.84 2.39
CA LYS D 25 4.50 20.63 3.81
C LYS D 25 5.66 19.65 4.03
N PRO D 26 6.68 20.02 4.84
CA PRO D 26 7.94 19.26 4.87
C PRO D 26 7.93 18.05 5.79
N ARG D 27 7.19 17.02 5.37
CA ARG D 27 7.07 15.80 6.13
C ARG D 27 6.59 14.71 5.18
N VAL D 28 6.73 13.46 5.61
CA VAL D 28 6.25 12.33 4.83
C VAL D 28 4.72 12.28 4.86
N HIS D 29 4.11 12.18 3.66
CA HIS D 29 2.68 11.94 3.51
C HIS D 29 2.48 10.46 3.16
N SER D 30 1.92 9.69 4.09
CA SER D 30 1.76 8.25 3.91
C SER D 30 0.47 7.95 3.14
N ILE D 31 0.17 6.67 2.91
CA ILE D 31 -0.80 6.31 1.90
C ILE D 31 -2.21 6.77 2.29
N ASP D 32 -2.55 6.75 3.57
CA ASP D 32 -3.89 7.16 3.99
C ASP D 32 -4.15 8.63 3.65
N GLU D 33 -3.16 9.47 3.97
CA GLU D 33 -3.25 10.88 3.64
C GLU D 33 -3.38 11.05 2.13
N TYR D 34 -2.62 10.25 1.38
CA TYR D 34 -2.60 10.34 -0.08
C TYR D 34 -3.97 9.92 -0.64
N LEU D 35 -4.57 8.86 -0.07
CA LEU D 35 -5.87 8.39 -0.53
C LEU D 35 -6.97 9.43 -0.26
N LYS D 36 -6.85 10.18 0.83
CA LYS D 36 -7.86 11.18 1.16
C LYS D 36 -7.99 12.25 0.06
N ASP D 37 -6.89 12.54 -0.64
CA ASP D 37 -6.87 13.56 -1.68
C ASP D 37 -7.18 12.95 -3.06
N GLY D 38 -7.71 11.73 -3.11
CA GLY D 38 -8.00 11.09 -4.39
C GLY D 38 -6.80 10.30 -4.93
N GLY D 39 -5.82 10.03 -4.07
CA GLY D 39 -4.67 9.22 -4.45
C GLY D 39 -5.08 7.88 -5.06
N TYR D 40 -4.36 7.47 -6.11
CA TYR D 40 -4.50 6.19 -6.78
C TYR D 40 -5.80 6.06 -7.58
N GLN D 41 -6.66 7.07 -7.57
CA GLN D 41 -7.86 7.01 -8.41
C GLN D 41 -7.51 7.20 -9.89
N ALA D 42 -6.42 7.92 -10.18
CA ALA D 42 -5.96 8.02 -11.55
C ALA D 42 -5.51 6.65 -12.04
N LEU D 43 -4.74 5.95 -11.20
CA LEU D 43 -4.36 4.58 -11.53
C LEU D 43 -5.60 3.77 -11.87
N GLU D 44 -6.63 3.82 -11.01
CA GLU D 44 -7.81 3.01 -11.22
C GLU D 44 -8.42 3.33 -12.59
N LYS D 45 -8.48 4.62 -12.93
CA LYS D 45 -8.98 5.09 -14.21
C LYS D 45 -8.09 4.55 -15.35
N ALA D 46 -6.77 4.59 -15.16
CA ALA D 46 -5.82 4.17 -16.19
C ALA D 46 -5.97 2.68 -16.49
N LEU D 47 -6.17 1.87 -15.44
CA LEU D 47 -6.28 0.43 -15.64
C LEU D 47 -7.55 0.08 -16.42
N ASN D 48 -8.52 0.99 -16.53
CA ASN D 48 -9.71 0.75 -17.33
C ASN D 48 -9.53 1.27 -18.76
N MET D 49 -8.39 1.87 -19.04
CA MET D 49 -8.01 2.33 -20.39
C MET D 49 -7.01 1.33 -20.95
N SER D 50 -6.86 1.34 -22.28
CA SER D 50 -5.82 0.56 -22.94
C SER D 50 -4.48 1.25 -22.72
N PRO D 51 -3.37 0.47 -22.71
CA PRO D 51 -2.05 1.08 -22.70
C PRO D 51 -1.87 2.12 -23.80
N GLU D 52 -2.41 1.81 -24.98
CA GLU D 52 -2.27 2.67 -26.15
C GLU D 52 -2.94 4.02 -25.89
N GLU D 53 -4.09 4.01 -25.22
CA GLU D 53 -4.82 5.24 -24.93
C GLU D 53 -4.03 6.12 -23.97
N ILE D 54 -3.41 5.49 -22.96
CA ILE D 54 -2.63 6.22 -21.99
C ILE D 54 -1.44 6.89 -22.68
N ILE D 55 -0.76 6.14 -23.56
CA ILE D 55 0.34 6.72 -24.32
C ILE D 55 -0.17 7.91 -25.12
N ASP D 56 -1.32 7.76 -25.78
CA ASP D 56 -1.91 8.83 -26.56
C ASP D 56 -2.17 10.07 -25.68
N TRP D 57 -2.71 9.85 -24.47
CA TRP D 57 -3.02 10.97 -23.59
C TRP D 57 -1.75 11.70 -23.19
N VAL D 58 -0.73 10.96 -22.77
CA VAL D 58 0.53 11.55 -22.34
C VAL D 58 1.17 12.29 -23.51
N ASP D 59 1.07 11.74 -24.73
CA ASP D 59 1.56 12.41 -25.93
C ASP D 59 0.83 13.75 -26.13
N LYS D 60 -0.51 13.70 -26.13
CA LYS D 60 -1.32 14.88 -26.40
C LYS D 60 -1.18 15.91 -25.27
N SER D 61 -0.77 15.49 -24.07
CA SER D 61 -0.58 16.43 -22.96
C SER D 61 0.52 17.45 -23.24
N THR D 62 1.47 17.08 -24.12
CA THR D 62 2.67 17.85 -24.46
C THR D 62 3.75 17.74 -23.37
N LEU D 63 3.57 16.84 -22.39
CA LEU D 63 4.58 16.67 -21.36
C LEU D 63 5.94 16.38 -21.99
N ARG D 64 6.97 17.10 -21.54
CA ARG D 64 8.33 16.87 -21.95
C ARG D 64 9.17 16.45 -20.75
N GLY D 65 10.23 15.70 -21.02
CA GLY D 65 11.06 15.20 -19.95
C GLY D 65 11.63 16.34 -19.10
N ARG D 66 11.68 16.12 -17.79
CA ARG D 66 12.14 17.11 -16.83
C ARG D 66 13.57 16.86 -16.36
N GLY D 67 14.27 15.92 -17.00
CA GLY D 67 15.63 15.56 -16.59
C GLY D 67 16.72 16.37 -17.31
N GLY D 68 16.33 17.29 -18.21
CA GLY D 68 17.29 18.18 -18.88
C GLY D 68 17.29 18.12 -20.41
N ALA D 69 16.88 17.00 -21.02
CA ALA D 69 16.95 16.84 -22.45
C ALA D 69 15.62 17.22 -23.10
N GLY D 70 14.54 17.34 -22.31
CA GLY D 70 13.25 17.83 -22.77
C GLY D 70 12.59 16.96 -23.85
N PHE D 71 12.89 15.66 -23.89
CA PHE D 71 12.33 14.80 -24.93
C PHE D 71 10.84 14.60 -24.63
N PRO D 72 9.94 14.70 -25.64
CA PRO D 72 8.51 14.46 -25.38
C PRO D 72 8.23 13.06 -24.86
N THR D 73 7.58 13.00 -23.69
CA THR D 73 7.45 11.77 -22.92
C THR D 73 6.60 10.74 -23.65
N GLY D 74 5.44 11.16 -24.17
CA GLY D 74 4.55 10.25 -24.88
C GLY D 74 5.26 9.59 -26.07
N LYS D 75 6.02 10.42 -26.80
CA LYS D 75 6.77 9.95 -27.96
C LYS D 75 7.81 8.92 -27.50
N LYS D 76 8.51 9.19 -26.40
CA LYS D 76 9.49 8.22 -25.91
C LYS D 76 8.80 6.87 -25.70
N TRP D 77 7.64 6.89 -25.04
CA TRP D 77 6.90 5.68 -24.77
C TRP D 77 6.53 4.96 -26.06
N LYS D 78 6.05 5.72 -27.06
CA LYS D 78 5.74 5.17 -28.38
C LYS D 78 6.95 4.48 -29.02
N PHE D 79 8.14 5.09 -28.89
CA PHE D 79 9.33 4.46 -29.45
C PHE D 79 9.57 3.12 -28.77
N ALA D 80 9.38 3.06 -27.45
CA ALA D 80 9.67 1.84 -26.72
C ALA D 80 8.74 0.73 -27.15
N VAL D 81 7.45 1.04 -27.32
CA VAL D 81 6.46 -0.02 -27.47
C VAL D 81 6.45 -0.53 -28.90
N GLN D 82 7.19 0.10 -29.82
CA GLN D 82 7.29 -0.45 -31.16
C GLN D 82 8.31 -1.61 -31.17
N ASN D 83 9.02 -1.85 -30.05
CA ASN D 83 10.01 -2.91 -29.96
C ASN D 83 9.49 -4.07 -29.11
N PRO D 84 9.76 -5.35 -29.46
CA PRO D 84 9.29 -6.48 -28.68
C PRO D 84 9.69 -6.44 -27.22
N GLY D 85 8.78 -6.88 -26.35
CA GLY D 85 9.03 -7.00 -24.91
C GLY D 85 9.94 -8.20 -24.58
N PRO D 86 10.28 -8.42 -23.29
CA PRO D 86 9.79 -7.59 -22.21
C PRO D 86 10.41 -6.20 -22.23
N ARG D 87 9.73 -5.25 -21.58
CA ARG D 87 10.20 -3.89 -21.48
C ARG D 87 10.35 -3.52 -20.01
N TYR D 88 11.19 -2.51 -19.74
CA TYR D 88 11.49 -2.07 -18.39
C TYR D 88 11.20 -0.58 -18.28
N PHE D 89 10.75 -0.18 -17.10
CA PHE D 89 10.52 1.20 -16.77
C PHE D 89 11.44 1.59 -15.63
N ILE D 90 12.16 2.72 -15.78
CA ILE D 90 13.12 3.18 -14.79
C ILE D 90 12.80 4.63 -14.44
N CYS D 91 12.60 4.87 -13.14
CA CYS D 91 12.54 6.22 -12.58
C CYS D 91 13.94 6.67 -12.18
N ASN D 92 14.40 7.74 -12.84
CA ASN D 92 15.71 8.33 -12.58
C ASN D 92 15.60 9.30 -11.40
N ALA D 93 16.07 8.86 -10.23
CA ALA D 93 16.13 9.70 -9.05
C ALA D 93 17.58 9.93 -8.63
N ASP D 94 18.48 10.13 -9.61
CA ASP D 94 19.89 10.28 -9.27
C ASP D 94 20.24 11.72 -8.88
N GLU D 95 19.37 12.67 -9.24
CA GLU D 95 19.49 14.10 -9.00
C GLU D 95 20.77 14.50 -8.27
N SER D 96 21.80 14.90 -9.03
CA SER D 96 23.09 15.21 -8.46
C SER D 96 23.74 16.42 -9.12
N GLU D 97 23.04 17.12 -10.02
CA GLU D 97 23.58 18.34 -10.59
C GLU D 97 23.59 19.45 -9.54
N PRO D 98 24.69 20.23 -9.41
CA PRO D 98 24.73 21.37 -8.51
C PRO D 98 23.51 22.28 -8.64
N GLY D 99 22.93 22.61 -7.49
CA GLY D 99 21.76 23.49 -7.44
C GLY D 99 20.43 22.73 -7.48
N THR D 100 20.46 21.43 -7.84
CA THR D 100 19.22 20.76 -8.17
C THR D 100 18.72 19.92 -6.99
N PHE D 101 17.53 20.28 -6.47
CA PHE D 101 16.97 19.57 -5.33
C PHE D 101 15.45 19.50 -5.43
N LYS D 102 14.92 19.57 -6.64
CA LYS D 102 13.49 19.55 -6.88
C LYS D 102 12.92 18.13 -6.69
N ASP D 103 13.65 17.10 -7.14
CA ASP D 103 13.11 15.74 -7.19
C ASP D 103 12.97 15.16 -5.78
N ARG D 104 13.88 15.52 -4.89
CA ARG D 104 13.93 14.91 -3.57
C ARG D 104 12.68 15.29 -2.76
N ILE D 105 12.10 16.47 -2.99
CA ILE D 105 10.98 16.85 -2.14
C ILE D 105 9.74 16.05 -2.51
N ILE D 106 9.61 15.62 -3.77
CA ILE D 106 8.54 14.70 -4.14
C ILE D 106 8.77 13.35 -3.47
N ILE D 107 10.01 12.84 -3.59
CA ILE D 107 10.36 11.53 -3.06
C ILE D 107 10.10 11.48 -1.56
N GLU D 108 10.60 12.48 -0.84
CA GLU D 108 10.65 12.43 0.60
C GLU D 108 9.32 12.82 1.24
N ARG D 109 8.45 13.57 0.51
CA ARG D 109 7.26 14.13 1.12
C ARG D 109 5.97 13.55 0.52
N ASP D 110 5.99 13.15 -0.74
CA ASP D 110 4.78 12.67 -1.40
C ASP D 110 5.13 11.47 -2.27
N PRO D 111 5.77 10.43 -1.70
CA PRO D 111 6.26 9.32 -2.51
C PRO D 111 5.19 8.62 -3.35
N HIS D 112 3.93 8.63 -2.89
CA HIS D 112 2.86 7.97 -3.60
C HIS D 112 2.52 8.66 -4.92
N LEU D 113 2.76 9.97 -5.01
CA LEU D 113 2.60 10.68 -6.27
C LEU D 113 3.52 10.05 -7.32
N LEU D 114 4.77 9.78 -6.91
CA LEU D 114 5.74 9.20 -7.81
C LEU D 114 5.35 7.76 -8.12
N ILE D 115 4.99 7.00 -7.10
CA ILE D 115 4.68 5.59 -7.27
C ILE D 115 3.47 5.43 -8.19
N GLU D 116 2.41 6.23 -7.97
CA GLU D 116 1.23 6.18 -8.82
C GLU D 116 1.64 6.39 -10.28
N GLY D 117 2.52 7.38 -10.49
CA GLY D 117 3.02 7.69 -11.81
C GLY D 117 3.79 6.52 -12.45
N ILE D 118 4.62 5.86 -11.65
CA ILE D 118 5.41 4.75 -12.13
C ILE D 118 4.47 3.63 -12.58
N ILE D 119 3.41 3.38 -11.80
CA ILE D 119 2.55 2.25 -12.11
C ILE D 119 1.80 2.49 -13.41
N ILE D 120 1.24 3.70 -13.56
CA ILE D 120 0.53 4.09 -14.77
C ILE D 120 1.48 4.02 -15.98
N SER D 121 2.68 4.58 -15.83
CA SER D 121 3.66 4.59 -16.92
C SER D 121 4.06 3.16 -17.33
N SER D 122 4.30 2.29 -16.32
CA SER D 122 4.70 0.92 -16.56
C SER D 122 3.62 0.15 -17.33
N TYR D 123 2.37 0.34 -16.90
CA TYR D 123 1.22 -0.25 -17.58
C TYR D 123 1.15 0.24 -19.02
N ALA D 124 1.37 1.52 -19.22
CA ALA D 124 1.31 2.11 -20.56
C ALA D 124 2.29 1.41 -21.51
N ILE D 125 3.50 1.06 -21.05
CA ILE D 125 4.51 0.53 -21.96
C ILE D 125 4.61 -1.00 -21.83
N GLY D 126 3.74 -1.60 -21.01
CA GLY D 126 3.75 -3.04 -20.81
C GLY D 126 4.95 -3.54 -20.02
N ALA D 127 5.50 -2.72 -19.12
CA ALA D 127 6.61 -3.17 -18.28
C ALA D 127 6.04 -3.80 -17.03
N ASN D 128 6.51 -5.01 -16.67
CA ASN D 128 6.07 -5.70 -15.47
C ASN D 128 7.12 -5.58 -14.36
N GLU D 129 8.25 -4.96 -14.70
CA GLU D 129 9.33 -4.71 -13.75
C GLU D 129 9.78 -3.26 -13.91
N ALA D 130 9.77 -2.52 -12.81
CA ALA D 130 10.20 -1.13 -12.81
C ALA D 130 11.26 -0.91 -11.75
N TYR D 131 12.04 0.16 -11.92
CA TYR D 131 13.07 0.49 -10.96
C TYR D 131 12.99 1.97 -10.59
N ILE D 132 13.35 2.26 -9.36
CA ILE D 132 13.74 3.61 -9.00
C ILE D 132 15.23 3.53 -8.68
N TYR D 133 16.04 4.35 -9.35
CA TYR D 133 17.46 4.42 -9.07
C TYR D 133 17.69 5.74 -8.34
N ILE D 134 17.97 5.66 -7.04
CA ILE D 134 18.10 6.86 -6.21
C ILE D 134 19.55 7.00 -5.77
N ARG D 135 20.08 8.22 -5.84
CA ARG D 135 21.48 8.48 -5.50
C ARG D 135 21.72 8.00 -4.07
N GLY D 136 22.93 7.52 -3.82
CA GLY D 136 23.30 7.01 -2.51
C GLY D 136 23.23 8.07 -1.41
N GLU D 137 23.34 9.35 -1.78
CA GLU D 137 23.36 10.43 -0.80
C GLU D 137 21.94 10.89 -0.43
N TYR D 138 20.92 10.10 -0.81
CA TYR D 138 19.53 10.35 -0.45
C TYR D 138 19.03 9.13 0.32
N PRO D 139 19.67 8.79 1.47
CA PRO D 139 19.26 7.61 2.22
C PRO D 139 17.83 7.70 2.75
N ALA D 140 17.41 8.89 3.20
CA ALA D 140 16.06 9.05 3.70
C ALA D 140 15.05 8.74 2.59
N GLY D 141 15.30 9.29 1.40
CA GLY D 141 14.47 9.05 0.25
C GLY D 141 14.34 7.55 -0.04
N TYR D 142 15.46 6.83 0.08
CA TYR D 142 15.48 5.40 -0.16
C TYR D 142 14.53 4.70 0.81
N TYR D 143 14.67 4.99 2.11
CA TYR D 143 13.87 4.29 3.12
C TYR D 143 12.39 4.64 2.96
N ILE D 144 12.11 5.91 2.67
CA ILE D 144 10.76 6.40 2.51
C ILE D 144 10.08 5.70 1.34
N LEU D 145 10.81 5.53 0.23
CA LEU D 145 10.27 4.85 -0.94
C LEU D 145 10.04 3.37 -0.67
N ARG D 146 11.00 2.69 -0.01
CA ARG D 146 10.82 1.27 0.30
C ARG D 146 9.53 1.07 1.09
N ASP D 147 9.31 1.92 2.10
CA ASP D 147 8.14 1.86 2.96
C ASP D 147 6.86 2.19 2.18
N ALA D 148 6.90 3.21 1.32
CA ALA D 148 5.76 3.58 0.51
C ALA D 148 5.37 2.48 -0.48
N ILE D 149 6.36 1.80 -1.06
CA ILE D 149 6.09 0.68 -1.94
C ILE D 149 5.35 -0.43 -1.19
N GLU D 150 5.76 -0.74 0.04
CA GLU D 150 5.10 -1.75 0.84
C GLU D 150 3.65 -1.36 1.13
N GLU D 151 3.39 -0.07 1.40
CA GLU D 151 2.04 0.43 1.61
C GLU D 151 1.18 0.21 0.37
N ALA D 152 1.76 0.50 -0.81
CA ALA D 152 1.03 0.36 -2.06
C ALA D 152 0.72 -1.11 -2.31
N LYS D 153 1.67 -1.99 -1.96
CA LYS D 153 1.43 -3.43 -2.05
C LYS D 153 0.26 -3.83 -1.16
N LYS D 154 0.24 -3.32 0.07
CA LYS D 154 -0.76 -3.77 1.02
C LYS D 154 -2.16 -3.32 0.57
N LYS D 155 -2.24 -2.19 -0.13
CA LYS D 155 -3.51 -1.67 -0.63
C LYS D 155 -3.85 -2.21 -2.01
N GLY D 156 -3.00 -3.09 -2.57
CA GLY D 156 -3.31 -3.77 -3.82
C GLY D 156 -2.97 -2.99 -5.09
N PHE D 157 -2.11 -1.97 -4.99
CA PHE D 157 -1.72 -1.17 -6.14
C PHE D 157 -0.47 -1.72 -6.84
N LEU D 158 0.22 -2.68 -6.19
CA LEU D 158 1.37 -3.37 -6.75
C LEU D 158 1.20 -4.86 -6.53
N GLY D 159 1.99 -5.66 -7.26
CA GLY D 159 1.87 -7.11 -7.21
C GLY D 159 1.25 -7.66 -8.50
N LYS D 160 0.67 -8.86 -8.40
CA LYS D 160 0.09 -9.50 -9.57
C LYS D 160 -1.38 -9.09 -9.69
N ASN D 161 -1.85 -9.01 -10.94
CA ASN D 161 -3.26 -8.84 -11.23
C ASN D 161 -3.82 -7.66 -10.43
N ILE D 162 -3.19 -6.49 -10.63
CA ILE D 162 -3.48 -5.30 -9.85
C ILE D 162 -4.92 -4.88 -10.10
N LEU D 163 -5.73 -4.90 -9.02
CA LEU D 163 -7.12 -4.49 -9.04
C LEU D 163 -7.88 -5.24 -10.13
N GLY D 164 -7.53 -6.52 -10.31
CA GLY D 164 -8.27 -7.40 -11.21
C GLY D 164 -7.97 -7.13 -12.69
N SER D 165 -6.94 -6.32 -12.97
CA SER D 165 -6.66 -5.85 -14.32
C SER D 165 -5.87 -6.88 -15.14
N GLY D 166 -5.27 -7.87 -14.47
CA GLY D 166 -4.32 -8.76 -15.13
C GLY D 166 -2.95 -8.13 -15.33
N PHE D 167 -2.74 -6.88 -14.88
CA PHE D 167 -1.43 -6.24 -15.00
C PHE D 167 -0.61 -6.54 -13.74
N ASP D 168 0.63 -7.02 -13.95
CA ASP D 168 1.56 -7.34 -12.87
C ASP D 168 2.68 -6.31 -12.80
N LEU D 169 3.03 -5.85 -11.60
CA LEU D 169 4.14 -4.91 -11.47
C LEU D 169 4.85 -5.08 -10.13
N GLU D 170 6.19 -5.18 -10.20
CA GLU D 170 7.06 -4.99 -9.05
C GLU D 170 7.96 -3.77 -9.32
N ILE D 171 8.14 -2.95 -8.28
CA ILE D 171 9.06 -1.81 -8.31
C ILE D 171 10.22 -2.11 -7.35
N TYR D 172 11.45 -2.10 -7.89
CA TYR D 172 12.68 -2.34 -7.16
C TYR D 172 13.38 -1.00 -6.98
N VAL D 173 13.91 -0.77 -5.77
CA VAL D 173 14.63 0.45 -5.46
C VAL D 173 16.12 0.13 -5.37
N ALA D 174 16.90 0.76 -6.26
CA ALA D 174 18.35 0.64 -6.31
C ALA D 174 18.96 1.94 -5.81
N ARG D 175 20.16 1.85 -5.24
CA ARG D 175 20.87 2.99 -4.70
C ARG D 175 22.15 3.19 -5.48
N GLY D 176 22.43 4.44 -5.84
CA GLY D 176 23.73 4.85 -6.36
C GLY D 176 24.77 4.82 -5.25
N ALA D 177 26.01 5.20 -5.60
CA ALA D 177 27.11 5.15 -4.64
C ALA D 177 28.14 6.25 -4.92
N GLY D 178 27.69 7.42 -5.41
CA GLY D 178 28.55 8.61 -5.42
C GLY D 178 28.89 9.17 -6.80
N ALA D 179 28.35 8.61 -7.89
CA ALA D 179 28.74 9.01 -9.23
C ALA D 179 27.63 9.81 -9.90
N TYR D 180 27.89 11.09 -10.21
CA TYR D 180 26.98 11.94 -10.96
C TYR D 180 26.62 11.34 -12.31
N ILE D 181 27.60 10.68 -12.94
CA ILE D 181 27.40 10.15 -14.29
C ILE D 181 26.31 9.09 -14.31
N CYS D 182 25.97 8.50 -13.15
CA CYS D 182 24.94 7.46 -13.11
C CYS D 182 23.54 8.03 -13.29
N GLY D 183 23.42 9.36 -13.36
CA GLY D 183 22.20 10.01 -13.80
C GLY D 183 22.02 9.97 -15.31
N GLU D 184 23.11 9.81 -16.07
CA GLU D 184 23.00 9.66 -17.52
C GLU D 184 22.35 8.30 -17.77
N GLU D 185 21.32 8.24 -18.62
CA GLU D 185 20.44 7.09 -18.64
C GLU D 185 21.19 5.79 -18.94
N THR D 186 22.21 5.82 -19.81
CA THR D 186 22.86 4.57 -20.17
C THR D 186 23.80 4.14 -19.05
N ALA D 187 24.44 5.09 -18.37
CA ALA D 187 25.29 4.74 -17.24
C ALA D 187 24.44 4.23 -16.07
N LEU D 188 23.23 4.79 -15.93
CA LEU D 188 22.30 4.36 -14.90
C LEU D 188 21.99 2.88 -15.13
N ILE D 189 21.69 2.53 -16.38
CA ILE D 189 21.35 1.16 -16.74
C ILE D 189 22.54 0.23 -16.45
N GLU D 190 23.75 0.64 -16.80
CA GLU D 190 24.94 -0.14 -16.49
C GLU D 190 25.07 -0.37 -14.99
N SER D 191 24.74 0.66 -14.21
CA SER D 191 24.80 0.55 -12.75
C SER D 191 23.75 -0.42 -12.24
N LEU D 192 22.55 -0.40 -12.84
CA LEU D 192 21.50 -1.34 -12.47
C LEU D 192 21.89 -2.78 -12.77
N GLU D 193 22.73 -2.98 -13.80
CA GLU D 193 23.22 -4.29 -14.18
C GLU D 193 24.40 -4.74 -13.31
N GLY D 194 24.79 -3.91 -12.32
CA GLY D 194 25.81 -4.28 -11.36
C GLY D 194 27.22 -3.86 -11.79
N LYS D 195 27.32 -2.92 -12.71
CA LYS D 195 28.62 -2.54 -13.24
C LYS D 195 28.96 -1.11 -12.87
N ARG D 196 30.16 -0.68 -13.28
CA ARG D 196 30.54 0.71 -13.23
C ARG D 196 29.58 1.52 -14.09
N GLY D 197 29.38 2.77 -13.72
CA GLY D 197 28.52 3.70 -14.44
C GLY D 197 29.26 4.33 -15.63
N HIS D 198 29.40 3.55 -16.71
CA HIS D 198 30.01 4.01 -17.93
C HIS D 198 28.93 4.18 -18.98
N PRO D 199 28.67 5.41 -19.46
CA PRO D 199 27.74 5.60 -20.57
C PRO D 199 28.09 4.74 -21.78
N ARG D 200 27.03 4.36 -22.50
CA ARG D 200 27.13 3.56 -23.71
C ARG D 200 27.03 4.49 -24.92
N LEU D 201 27.75 4.13 -25.99
CA LEU D 201 27.55 4.75 -27.28
C LEU D 201 26.08 4.62 -27.68
N LYS D 202 25.51 5.75 -28.09
CA LYS D 202 24.16 5.82 -28.61
C LYS D 202 24.24 6.29 -30.06
N PRO D 203 23.45 5.78 -31.02
CA PRO D 203 22.53 4.65 -30.81
C PRO D 203 23.27 3.33 -30.59
N PRO D 204 22.60 2.26 -30.12
CA PRO D 204 21.15 2.27 -29.86
C PRO D 204 20.75 3.08 -28.63
N TYR D 205 19.48 3.45 -28.57
CA TYR D 205 18.95 4.18 -27.43
C TYR D 205 18.26 3.18 -26.50
N PRO D 206 18.21 3.47 -25.20
CA PRO D 206 17.52 2.62 -24.23
C PRO D 206 16.16 2.08 -24.68
N VAL D 207 15.35 2.90 -25.36
CA VAL D 207 14.02 2.46 -25.77
C VAL D 207 14.11 1.31 -26.78
N GLN D 208 15.26 1.13 -27.45
CA GLN D 208 15.45 -0.02 -28.31
C GLN D 208 16.21 -1.12 -27.54
N LYS D 209 17.36 -0.75 -26.95
CA LYS D 209 18.22 -1.69 -26.24
C LYS D 209 18.74 -1.05 -24.97
N GLY D 210 18.18 -1.47 -23.83
CA GLY D 210 18.48 -0.86 -22.53
C GLY D 210 18.94 -1.91 -21.51
N LEU D 211 18.15 -2.05 -20.44
CA LEU D 211 18.44 -3.00 -19.37
C LEU D 211 18.32 -4.41 -19.94
N TRP D 212 19.39 -5.20 -19.75
CA TRP D 212 19.57 -6.51 -20.35
C TRP D 212 19.27 -6.48 -21.85
N GLY D 213 19.51 -5.34 -22.50
CA GLY D 213 19.35 -5.21 -23.95
C GLY D 213 17.90 -5.13 -24.42
N LYS D 214 16.96 -4.96 -23.49
CA LYS D 214 15.55 -4.91 -23.81
C LYS D 214 15.06 -3.46 -23.83
N PRO D 215 13.93 -3.17 -24.51
CA PRO D 215 13.37 -1.82 -24.51
C PRO D 215 13.16 -1.30 -23.10
N THR D 216 13.72 -0.11 -22.83
CA THR D 216 13.74 0.49 -21.52
C THR D 216 13.39 1.97 -21.65
N VAL D 217 12.39 2.40 -20.89
CA VAL D 217 12.03 3.80 -20.74
C VAL D 217 12.64 4.29 -19.43
N VAL D 218 13.48 5.33 -19.54
CA VAL D 218 13.97 6.05 -18.38
C VAL D 218 13.26 7.41 -18.35
N ASN D 219 12.61 7.72 -17.23
CA ASN D 219 12.05 9.04 -17.02
C ASN D 219 12.49 9.58 -15.67
N ASN D 220 12.60 10.91 -15.62
CA ASN D 220 12.94 11.63 -14.40
C ASN D 220 11.77 11.65 -13.42
N VAL D 221 12.07 11.75 -12.12
CA VAL D 221 11.08 11.82 -11.05
C VAL D 221 9.97 12.84 -11.34
N GLU D 222 10.38 14.07 -11.66
CA GLU D 222 9.42 15.14 -11.89
C GLU D 222 8.53 14.83 -13.09
N THR D 223 9.09 14.31 -14.18
CA THR D 223 8.31 13.88 -15.33
C THR D 223 7.18 12.97 -14.86
N ILE D 224 7.55 11.94 -14.10
CA ILE D 224 6.65 10.87 -13.73
C ILE D 224 5.57 11.41 -12.80
N ALA D 225 5.94 12.39 -11.96
CA ALA D 225 5.01 13.01 -11.01
C ALA D 225 3.88 13.75 -11.74
N ASN D 226 4.00 14.01 -13.04
CA ASN D 226 2.94 14.65 -13.80
C ASN D 226 1.88 13.66 -14.27
N VAL D 227 2.21 12.37 -14.31
CA VAL D 227 1.40 11.41 -15.03
C VAL D 227 0.03 11.26 -14.38
N ARG D 228 -0.03 11.26 -13.04
CA ARG D 228 -1.29 11.22 -12.32
C ARG D 228 -2.25 12.30 -12.82
N PHE D 229 -1.73 13.53 -13.01
CA PHE D 229 -2.55 14.68 -13.33
C PHE D 229 -3.07 14.61 -14.75
N ILE D 230 -2.25 14.10 -15.67
CA ILE D 230 -2.69 13.92 -17.05
C ILE D 230 -3.90 13.00 -17.11
N ILE D 231 -3.86 11.90 -16.35
CA ILE D 231 -4.92 10.91 -16.40
C ILE D 231 -6.15 11.45 -15.67
N SER D 232 -5.93 12.04 -14.48
CA SER D 232 -7.02 12.54 -13.65
C SER D 232 -7.78 13.67 -14.34
N MET D 233 -7.05 14.65 -14.88
CA MET D 233 -7.66 15.85 -15.45
C MET D 233 -8.06 15.60 -16.91
N GLY D 234 -7.39 14.64 -17.55
CA GLY D 234 -7.44 14.49 -19.00
C GLY D 234 -6.37 15.36 -19.66
N TRP D 235 -5.92 14.95 -20.84
CA TRP D 235 -4.81 15.63 -21.48
C TRP D 235 -5.19 17.06 -21.86
N GLU D 236 -6.48 17.29 -22.17
CA GLU D 236 -6.92 18.59 -22.66
C GLU D 236 -6.84 19.63 -21.54
N GLU D 237 -7.41 19.33 -20.37
CA GLU D 237 -7.37 20.24 -19.24
C GLU D 237 -5.92 20.43 -18.76
N TYR D 238 -5.13 19.35 -18.79
CA TYR D 238 -3.74 19.45 -18.39
C TYR D 238 -3.04 20.48 -19.27
N ARG D 239 -3.26 20.39 -20.59
CA ARG D 239 -2.48 21.19 -21.52
C ARG D 239 -2.93 22.65 -21.49
N TYR D 240 -4.03 22.96 -20.77
CA TYR D 240 -4.48 24.33 -20.60
C TYR D 240 -3.79 25.02 -19.43
N ILE D 241 -2.95 24.28 -18.69
CA ILE D 241 -2.17 24.85 -17.60
C ILE D 241 -0.95 25.59 -18.16
N GLY D 242 -0.81 26.88 -17.82
CA GLY D 242 0.36 27.63 -18.24
C GLY D 242 0.29 27.93 -19.73
N PRO D 243 1.41 28.30 -20.40
CA PRO D 243 1.38 28.67 -21.81
C PRO D 243 1.21 27.40 -22.64
N SER D 244 0.45 27.48 -23.75
CA SER D 244 0.02 26.28 -24.46
C SER D 244 1.20 25.58 -25.15
N ASP D 245 2.31 26.29 -25.40
CA ASP D 245 3.48 25.69 -26.03
C ASP D 245 4.43 25.05 -25.01
N TYR D 246 4.29 25.40 -23.72
CA TYR D 246 5.09 24.75 -22.68
C TYR D 246 4.18 24.53 -21.47
N ALA D 247 3.24 23.61 -21.62
CA ALA D 247 2.12 23.48 -20.70
C ALA D 247 2.53 22.67 -19.50
N GLY D 248 1.82 22.89 -18.39
CA GLY D 248 1.95 22.06 -17.22
C GLY D 248 2.73 22.72 -16.09
N PRO D 249 2.68 22.13 -14.87
CA PRO D 249 3.45 22.64 -13.74
C PRO D 249 4.93 22.35 -13.93
N LYS D 250 5.78 23.23 -13.40
CA LYS D 250 7.21 23.00 -13.37
C LYS D 250 7.76 23.35 -11.99
N LEU D 251 8.72 22.54 -11.53
CA LEU D 251 9.41 22.80 -10.27
C LEU D 251 10.73 23.53 -10.53
N PHE D 252 10.98 24.55 -9.71
CA PHE D 252 12.16 25.39 -9.86
C PHE D 252 12.90 25.42 -8.53
N PRO D 253 14.06 24.74 -8.42
CA PRO D 253 14.88 24.78 -7.22
C PRO D 253 15.77 26.02 -7.27
N VAL D 254 15.54 26.94 -6.33
CA VAL D 254 16.20 28.23 -6.29
C VAL D 254 17.12 28.29 -5.08
N SER D 255 18.39 28.65 -5.30
CA SER D 255 19.37 28.68 -4.23
C SER D 255 20.34 29.85 -4.42
N GLY D 256 21.27 30.00 -3.47
CA GLY D 256 22.25 31.07 -3.50
C GLY D 256 21.68 32.33 -2.86
N LYS D 257 21.95 33.48 -3.47
CA LYS D 257 21.78 34.77 -2.80
C LYS D 257 20.35 35.31 -2.92
N VAL D 258 19.35 34.50 -2.57
CA VAL D 258 17.97 34.97 -2.49
C VAL D 258 17.48 34.87 -1.05
N LYS D 259 16.39 35.60 -0.76
CA LYS D 259 15.87 35.62 0.60
C LYS D 259 15.11 34.34 0.94
N LYS D 260 14.44 33.73 -0.06
CA LYS D 260 13.64 32.54 0.19
C LYS D 260 14.09 31.40 -0.71
N PRO D 261 15.29 30.82 -0.51
CA PRO D 261 15.75 29.70 -1.33
C PRO D 261 14.82 28.51 -1.08
N GLY D 262 14.53 27.75 -2.14
CA GLY D 262 13.58 26.64 -2.01
C GLY D 262 13.07 26.19 -3.38
N VAL D 263 12.04 25.34 -3.36
CA VAL D 263 11.46 24.79 -4.59
C VAL D 263 10.12 25.49 -4.83
N TYR D 264 9.96 26.03 -6.04
CA TYR D 264 8.76 26.75 -6.44
C TYR D 264 8.08 25.98 -7.55
N GLU D 265 6.79 25.70 -7.38
CA GLU D 265 5.99 25.14 -8.47
C GLU D 265 5.24 26.27 -9.14
N LEU D 266 5.58 26.50 -10.41
CA LEU D 266 5.15 27.67 -11.16
C LEU D 266 4.89 27.23 -12.60
N PRO D 267 4.08 28.00 -13.36
CA PRO D 267 3.98 27.79 -14.80
C PRO D 267 5.21 28.31 -15.54
N MET D 268 5.46 27.77 -16.74
CA MET D 268 6.69 28.05 -17.44
C MET D 268 6.66 29.35 -18.24
N ASN D 269 5.59 30.15 -18.12
CA ASN D 269 5.62 31.50 -18.63
C ASN D 269 6.22 32.47 -17.59
N THR D 270 6.44 32.00 -16.36
CA THR D 270 7.16 32.79 -15.37
C THR D 270 8.53 33.18 -15.92
N THR D 271 8.95 34.44 -15.71
CA THR D 271 10.30 34.85 -16.11
C THR D 271 11.29 34.56 -14.98
N LEU D 272 12.57 34.54 -15.33
CA LEU D 272 13.65 34.38 -14.37
C LEU D 272 13.60 35.51 -13.33
N ARG D 273 13.33 36.74 -13.78
CA ARG D 273 13.21 37.88 -12.88
C ARG D 273 12.10 37.64 -11.86
N GLU D 274 10.95 37.13 -12.30
CA GLU D 274 9.84 36.87 -11.40
C GLU D 274 10.22 35.78 -10.40
N VAL D 275 10.93 34.74 -10.86
CA VAL D 275 11.35 33.67 -9.97
C VAL D 275 12.15 34.25 -8.80
N ILE D 276 13.13 35.10 -9.12
CA ILE D 276 13.99 35.68 -8.11
C ILE D 276 13.24 36.70 -7.25
N PHE D 277 12.53 37.64 -7.87
CA PHE D 277 12.06 38.83 -7.17
C PHE D 277 10.61 38.72 -6.72
N LYS D 278 9.77 38.03 -7.49
CA LYS D 278 8.36 37.92 -7.17
C LYS D 278 8.13 36.76 -6.19
N TYR D 279 8.83 35.63 -6.41
CA TYR D 279 8.59 34.40 -5.66
C TYR D 279 9.65 34.19 -4.57
N ALA D 280 10.95 34.29 -4.91
CA ALA D 280 12.01 33.92 -3.99
C ALA D 280 12.42 35.08 -3.07
N GLY D 281 11.71 36.20 -3.15
CA GLY D 281 11.80 37.27 -2.16
C GLY D 281 12.89 38.30 -2.46
N GLY D 282 13.48 38.22 -3.65
CA GLY D 282 14.56 39.13 -4.01
C GLY D 282 15.89 38.63 -3.47
N THR D 283 16.91 39.49 -3.54
CA THR D 283 18.26 39.07 -3.21
C THR D 283 18.57 39.35 -1.73
N LEU D 284 19.54 38.59 -1.20
CA LEU D 284 20.10 38.87 0.11
C LEU D 284 20.72 40.26 0.09
N GLY D 285 20.35 41.07 1.09
CA GLY D 285 20.85 42.42 1.28
C GLY D 285 20.37 43.38 0.19
N ASN D 286 19.40 42.92 -0.63
CA ASN D 286 18.95 43.66 -1.80
C ASN D 286 20.14 44.04 -2.68
N LYS D 287 21.12 43.17 -2.79
CA LYS D 287 22.24 43.41 -3.69
C LYS D 287 21.82 43.11 -5.13
N LYS D 288 22.54 43.69 -6.10
CA LYS D 288 22.24 43.47 -7.51
C LYS D 288 22.58 42.04 -7.91
N VAL D 289 21.72 41.46 -8.75
CA VAL D 289 22.03 40.17 -9.35
C VAL D 289 23.21 40.38 -10.30
N LYS D 290 24.22 39.52 -10.20
CA LYS D 290 25.34 39.54 -11.13
C LYS D 290 25.16 38.44 -12.18
N ALA D 291 24.83 37.24 -11.73
CA ALA D 291 24.64 36.12 -12.64
C ALA D 291 23.72 35.09 -12.02
N VAL D 292 23.14 34.27 -12.89
CA VAL D 292 22.41 33.10 -12.48
C VAL D 292 23.03 31.89 -13.18
N PHE D 293 23.44 30.90 -12.40
CA PHE D 293 23.88 29.64 -12.94
C PHE D 293 22.67 28.71 -13.05
N SER D 294 22.44 28.20 -14.27
CA SER D 294 21.49 27.13 -14.51
C SER D 294 22.18 25.82 -14.18
N GLY D 295 22.09 25.42 -12.92
CA GLY D 295 22.91 24.36 -12.39
C GLY D 295 24.37 24.54 -12.79
N ALA D 296 24.96 23.48 -13.37
CA ALA D 296 26.32 23.52 -13.88
C ALA D 296 26.34 23.61 -15.40
N LEU D 297 25.24 24.08 -16.01
CA LEU D 297 25.06 24.06 -17.46
C LEU D 297 25.29 25.43 -18.10
N ASP D 298 24.62 26.48 -17.61
CA ASP D 298 24.60 27.77 -18.27
C ASP D 298 24.80 28.88 -17.23
N CYS D 299 25.27 30.04 -17.70
CA CYS D 299 25.44 31.24 -16.88
C CYS D 299 24.75 32.39 -17.58
N PHE D 300 23.70 32.93 -16.94
CA PHE D 300 22.93 34.03 -17.45
C PHE D 300 23.37 35.29 -16.71
N SER D 301 23.56 36.38 -17.47
CA SER D 301 23.92 37.67 -16.91
C SER D 301 22.67 38.40 -16.41
N SER D 302 22.89 39.53 -15.73
CA SER D 302 21.80 40.34 -15.21
C SER D 302 21.03 41.02 -16.33
N GLU D 303 21.56 40.99 -17.57
CA GLU D 303 20.87 41.50 -18.73
C GLU D 303 19.90 40.47 -19.30
N GLU D 304 19.88 39.25 -18.72
CA GLU D 304 19.14 38.14 -19.27
C GLU D 304 18.03 37.64 -18.34
N LEU D 305 17.50 38.50 -17.47
CA LEU D 305 16.57 38.03 -16.45
C LEU D 305 15.13 37.97 -16.98
N ASP D 306 14.85 38.63 -18.12
CA ASP D 306 13.49 38.68 -18.62
C ASP D 306 13.15 37.47 -19.49
N ILE D 307 13.92 36.40 -19.38
CA ILE D 307 13.67 35.24 -20.22
C ILE D 307 12.63 34.34 -19.55
N PRO D 308 11.81 33.61 -20.35
CA PRO D 308 10.87 32.63 -19.79
C PRO D 308 11.57 31.37 -19.28
N MET D 309 10.96 30.78 -18.24
CA MET D 309 11.46 29.57 -17.58
C MET D 309 10.89 28.34 -18.28
N ASP D 310 11.12 28.26 -19.60
CA ASP D 310 10.55 27.22 -20.45
C ASP D 310 11.70 26.56 -21.21
N TYR D 311 11.36 25.75 -22.22
N TYR D 311 11.39 25.72 -22.21
CA TYR D 311 12.34 24.99 -22.98
CA TYR D 311 12.45 25.03 -22.95
C TYR D 311 12.55 25.60 -24.36
C TYR D 311 12.52 25.59 -24.37
N SER D 312 12.17 26.86 -24.54
CA SER D 312 12.30 27.54 -25.83
C SER D 312 13.77 27.87 -26.07
N PRO D 313 14.20 28.11 -27.33
CA PRO D 313 15.59 28.49 -27.59
C PRO D 313 16.09 29.71 -26.81
N LEU D 314 15.21 30.69 -26.56
CA LEU D 314 15.60 31.91 -25.87
C LEU D 314 15.24 31.83 -24.39
N GLY D 315 14.73 30.68 -23.95
CA GLY D 315 14.29 30.49 -22.59
C GLY D 315 15.41 29.98 -21.69
N PHE D 316 15.07 29.75 -20.43
CA PHE D 316 16.08 29.36 -19.44
C PHE D 316 16.60 27.96 -19.70
N GLY D 317 15.68 27.04 -19.97
CA GLY D 317 16.02 25.66 -20.29
C GLY D 317 16.51 24.90 -19.07
N GLY D 318 17.45 23.98 -19.32
CA GLY D 318 17.99 23.07 -18.32
C GLY D 318 16.89 22.32 -17.58
N THR D 319 17.02 22.28 -16.25
CA THR D 319 16.02 21.65 -15.39
C THR D 319 15.30 22.72 -14.57
N GLY D 320 15.46 24.00 -14.93
CA GLY D 320 14.88 25.11 -14.18
C GLY D 320 15.64 25.39 -12.88
N THR D 321 16.92 24.97 -12.80
CA THR D 321 17.71 25.14 -11.60
C THR D 321 18.30 26.55 -11.59
N VAL D 322 18.05 27.29 -10.50
CA VAL D 322 18.38 28.71 -10.44
C VAL D 322 19.32 28.95 -9.25
N ILE D 323 20.60 29.22 -9.54
CA ILE D 323 21.56 29.59 -8.51
C ILE D 323 21.91 31.07 -8.73
N VAL D 324 21.62 31.92 -7.73
CA VAL D 324 21.75 33.36 -7.85
C VAL D 324 23.07 33.82 -7.21
N LEU D 325 23.89 34.50 -8.02
CA LEU D 325 25.08 35.21 -7.54
C LEU D 325 24.82 36.70 -7.56
N THR D 326 25.30 37.43 -6.54
CA THR D 326 25.14 38.89 -6.52
C THR D 326 26.49 39.60 -6.72
N GLU D 327 26.42 40.92 -6.71
CA GLU D 327 27.45 41.80 -7.23
C GLU D 327 28.83 41.58 -6.61
N GLU D 328 28.92 41.09 -5.37
CA GLU D 328 30.22 40.90 -4.73
C GLU D 328 30.78 39.49 -4.95
N ASP D 329 30.05 38.61 -5.65
CA ASP D 329 30.49 37.24 -5.82
C ASP D 329 31.46 37.16 -7.00
N ASP D 330 32.62 36.56 -6.75
CA ASP D 330 33.70 36.49 -7.71
C ASP D 330 33.35 35.42 -8.75
N ILE D 331 33.25 35.83 -10.03
CA ILE D 331 32.80 34.92 -11.10
C ILE D 331 33.86 33.85 -11.38
N VAL D 332 35.14 34.20 -11.19
CA VAL D 332 36.20 33.25 -11.46
C VAL D 332 36.23 32.17 -10.38
N GLU D 333 36.05 32.58 -9.12
CA GLU D 333 35.94 31.64 -8.02
C GLU D 333 34.78 30.68 -8.24
N ALA D 334 33.62 31.22 -8.69
CA ALA D 334 32.47 30.38 -8.98
C ALA D 334 32.77 29.43 -10.13
N ALA D 335 33.42 29.94 -11.19
CA ALA D 335 33.78 29.11 -12.33
C ALA D 335 34.65 27.95 -11.88
N LEU D 336 35.57 28.22 -10.95
CA LEU D 336 36.45 27.19 -10.43
C LEU D 336 35.62 26.08 -9.80
N LYS D 337 34.57 26.44 -9.05
CA LYS D 337 33.76 25.41 -8.42
C LYS D 337 33.07 24.54 -9.47
N ILE D 338 32.65 25.14 -10.60
CA ILE D 338 32.03 24.36 -11.67
C ILE D 338 33.06 23.44 -12.34
N ALA D 339 34.28 23.93 -12.55
CA ALA D 339 35.34 23.10 -13.13
C ALA D 339 35.64 21.91 -12.22
N GLU D 340 35.67 22.16 -10.91
CA GLU D 340 35.96 21.11 -9.95
C GLU D 340 34.91 20.01 -10.03
N PHE D 341 33.65 20.39 -10.23
CA PHE D 341 32.57 19.43 -10.35
C PHE D 341 32.83 18.48 -11.51
N TYR D 342 33.10 19.04 -12.70
CA TYR D 342 33.31 18.19 -13.87
C TYR D 342 34.57 17.35 -13.71
N GLU D 343 35.64 17.90 -13.13
CA GLU D 343 36.84 17.12 -12.83
C GLU D 343 36.51 15.87 -12.00
N HIS D 344 35.62 16.02 -11.01
N HIS D 344 35.63 16.03 -11.01
CA HIS D 344 35.29 14.95 -10.08
CA HIS D 344 35.28 14.96 -10.09
C HIS D 344 34.29 13.96 -10.67
C HIS D 344 34.40 13.91 -10.75
N GLU D 345 33.64 14.29 -11.80
CA GLU D 345 32.54 13.46 -12.30
C GLU D 345 32.77 12.84 -13.68
N THR D 346 33.78 13.27 -14.46
CA THR D 346 34.05 12.56 -15.72
C THR D 346 34.32 11.10 -15.40
N CYS D 347 33.73 10.17 -16.19
CA CYS D 347 33.96 8.75 -15.99
C CYS D 347 35.28 8.28 -16.61
N GLY D 348 35.88 9.09 -17.50
CA GLY D 348 37.23 8.81 -17.99
C GLY D 348 37.30 7.99 -19.29
N GLN D 349 36.16 7.55 -19.84
CA GLN D 349 36.17 6.65 -20.99
C GLN D 349 36.71 7.35 -22.24
N CYS D 350 36.38 8.63 -22.39
CA CYS D 350 36.74 9.40 -23.56
C CYS D 350 37.92 10.29 -23.19
N THR D 351 38.91 10.38 -24.09
CA THR D 351 40.18 11.00 -23.74
C THR D 351 40.02 12.50 -23.56
N PRO D 352 39.43 13.27 -24.51
CA PRO D 352 39.31 14.72 -24.31
C PRO D 352 38.53 15.09 -23.06
N CYS D 353 37.47 14.33 -22.75
CA CYS D 353 36.71 14.54 -21.53
C CYS D 353 37.55 14.23 -20.29
N ARG D 354 38.23 13.08 -20.29
CA ARG D 354 39.04 12.66 -19.16
C ARG D 354 40.10 13.71 -18.84
N VAL D 355 40.91 14.07 -19.84
CA VAL D 355 42.05 14.94 -19.63
C VAL D 355 41.56 16.38 -19.53
N GLY D 356 40.53 16.72 -20.30
CA GLY D 356 40.00 18.08 -20.37
C GLY D 356 39.33 18.51 -19.07
N CYS D 357 38.49 17.63 -18.48
CA CYS D 357 37.86 17.99 -17.22
C CYS D 357 38.92 18.20 -16.14
N TYR D 358 39.92 17.34 -16.14
CA TYR D 358 41.00 17.45 -15.16
C TYR D 358 41.79 18.75 -15.38
N GLU D 359 42.21 19.01 -16.63
CA GLU D 359 43.10 20.14 -16.90
C GLU D 359 42.37 21.47 -16.73
N GLN D 360 41.10 21.50 -17.11
CA GLN D 360 40.31 22.71 -16.96
C GLN D 360 40.32 23.15 -15.49
N ALA D 361 40.11 22.20 -14.57
CA ALA D 361 40.12 22.50 -13.15
C ALA D 361 41.52 22.81 -12.62
N ASN D 362 42.52 22.00 -13.01
CA ASN D 362 43.91 22.17 -12.58
C ASN D 362 44.42 23.57 -12.94
N LEU D 363 44.20 23.98 -14.19
CA LEU D 363 44.67 25.26 -14.68
C LEU D 363 43.87 26.42 -14.08
N LEU D 364 42.55 26.24 -13.97
CA LEU D 364 41.73 27.33 -13.44
C LEU D 364 42.09 27.59 -11.98
N GLU D 365 42.44 26.53 -11.24
CA GLU D 365 42.92 26.72 -9.88
C GLU D 365 44.20 27.56 -9.84
N LYS D 366 45.12 27.30 -10.79
CA LYS D 366 46.35 28.08 -10.86
C LYS D 366 46.03 29.55 -11.15
N ILE D 367 45.11 29.79 -12.09
CA ILE D 367 44.69 31.14 -12.44
C ILE D 367 44.10 31.82 -11.20
N TYR D 368 43.18 31.12 -10.53
CA TYR D 368 42.51 31.66 -9.36
C TYR D 368 43.52 32.07 -8.28
N LYS D 369 44.53 31.23 -8.05
CA LYS D 369 45.51 31.49 -6.99
C LYS D 369 46.64 32.41 -7.45
N GLY D 370 46.59 32.92 -8.69
CA GLY D 370 47.60 33.84 -9.19
C GLY D 370 48.95 33.16 -9.45
N GLU D 371 48.94 31.87 -9.78
CA GLU D 371 50.15 31.09 -9.99
C GLU D 371 50.27 30.61 -11.44
N ALA D 372 49.39 31.10 -12.32
CA ALA D 372 49.34 30.62 -13.70
C ALA D 372 50.37 31.36 -14.55
N THR D 373 51.11 30.61 -15.39
CA THR D 373 52.00 31.18 -16.39
C THR D 373 51.15 31.67 -17.56
N GLU D 374 51.78 32.39 -18.50
CA GLU D 374 51.11 32.74 -19.76
C GLU D 374 50.67 31.47 -20.48
N GLN D 375 51.50 30.41 -20.44
N GLN D 375 51.50 30.42 -20.43
CA GLN D 375 51.17 29.16 -21.10
CA GLN D 375 51.18 29.17 -21.11
C GLN D 375 49.96 28.50 -20.43
C GLN D 375 49.98 28.49 -20.43
N ASP D 376 49.88 28.59 -19.10
CA ASP D 376 48.73 28.07 -18.37
C ASP D 376 47.44 28.78 -18.81
N TRP D 377 47.50 30.11 -18.98
CA TRP D 377 46.34 30.87 -19.45
C TRP D 377 45.90 30.38 -20.83
N GLU D 378 46.84 30.31 -21.76
CA GLU D 378 46.54 29.88 -23.12
C GLU D 378 46.04 28.44 -23.11
N GLY D 379 46.64 27.59 -22.27
CA GLY D 379 46.26 26.19 -22.14
C GLY D 379 44.83 26.05 -21.65
N PHE D 380 44.47 26.88 -20.67
CA PHE D 380 43.17 26.84 -20.06
C PHE D 380 42.09 27.15 -21.12
N ASP D 381 42.30 28.23 -21.87
CA ASP D 381 41.43 28.58 -22.97
C ASP D 381 41.27 27.40 -23.94
N PHE D 382 42.39 26.79 -24.34
CA PHE D 382 42.36 25.69 -25.29
C PHE D 382 41.57 24.51 -24.73
N VAL D 383 41.87 24.13 -23.50
CA VAL D 383 41.27 22.93 -22.93
C VAL D 383 39.77 23.14 -22.81
N ASN D 384 39.36 24.33 -22.37
CA ASN D 384 37.96 24.65 -22.19
C ASN D 384 37.18 24.41 -23.49
N ARG D 385 37.84 24.66 -24.62
CA ARG D 385 37.23 24.57 -25.94
C ARG D 385 37.31 23.15 -26.50
N ASN D 386 37.98 22.23 -25.80
CA ASN D 386 38.31 20.94 -26.41
C ASN D 386 38.03 19.77 -25.46
N ILE D 387 36.97 19.88 -24.66
CA ILE D 387 36.57 18.77 -23.81
C ILE D 387 35.61 17.86 -24.57
N GLN D 388 34.83 18.45 -25.47
CA GLN D 388 33.73 17.75 -26.14
C GLN D 388 34.19 16.72 -27.17
N PRO D 389 35.27 16.91 -27.98
CA PRO D 389 35.56 15.99 -29.08
C PRO D 389 35.60 14.51 -28.69
N THR D 390 34.88 13.68 -29.46
CA THR D 390 34.80 12.23 -29.34
C THR D 390 33.95 11.79 -28.15
N SER D 391 33.39 12.72 -27.37
CA SER D 391 32.60 12.37 -26.20
C SER D 391 31.37 11.55 -26.58
N ILE D 392 31.03 10.57 -25.75
CA ILE D 392 29.90 9.72 -26.05
C ILE D 392 28.69 10.03 -25.15
N CYS D 393 28.80 11.02 -24.27
CA CYS D 393 27.64 11.43 -23.47
C CYS D 393 27.67 12.94 -23.28
N GLY D 394 26.60 13.47 -22.68
CA GLY D 394 26.42 14.90 -22.61
C GLY D 394 27.41 15.59 -21.67
N LEU D 395 28.05 14.87 -20.75
CA LEU D 395 28.93 15.50 -19.77
C LEU D 395 30.09 16.19 -20.50
N GLY D 396 30.71 15.47 -21.43
CA GLY D 396 31.84 15.98 -22.21
C GLY D 396 31.41 17.16 -23.06
N ALA D 397 30.16 17.10 -23.52
CA ALA D 397 29.59 18.13 -24.37
C ALA D 397 29.43 19.47 -23.64
N VAL D 398 29.20 19.43 -22.32
CA VAL D 398 28.82 20.64 -21.60
C VAL D 398 29.84 21.02 -20.54
N ALA D 399 30.90 20.21 -20.32
CA ALA D 399 31.80 20.47 -19.20
C ALA D 399 32.48 21.84 -19.31
N GLY D 400 32.59 22.41 -20.53
CA GLY D 400 33.19 23.72 -20.69
C GLY D 400 32.18 24.85 -20.91
N ARG D 401 30.89 24.54 -20.96
CA ARG D 401 29.88 25.45 -21.49
C ARG D 401 29.70 26.67 -20.57
N LEU D 402 29.33 26.43 -19.31
CA LEU D 402 29.12 27.50 -18.36
C LEU D 402 30.37 28.37 -18.24
N ILE D 403 31.54 27.75 -18.11
CA ILE D 403 32.77 28.51 -17.95
C ILE D 403 33.02 29.40 -19.16
N ARG D 404 32.80 28.87 -20.38
CA ARG D 404 32.94 29.67 -21.59
C ARG D 404 32.01 30.88 -21.54
N GLN D 405 30.77 30.67 -21.10
CA GLN D 405 29.83 31.77 -21.02
C GLN D 405 30.32 32.84 -20.04
N THR D 406 30.95 32.45 -18.91
CA THR D 406 31.48 33.45 -17.98
C THR D 406 32.63 34.23 -18.62
N LEU D 407 33.43 33.56 -19.46
CA LEU D 407 34.55 34.21 -20.12
C LEU D 407 34.02 35.25 -21.10
N GLU D 408 32.88 34.95 -21.71
CA GLU D 408 32.26 35.82 -22.69
C GLU D 408 31.50 36.97 -22.02
N LYS D 409 30.84 36.69 -20.91
CA LYS D 409 29.89 37.63 -20.33
C LYS D 409 30.54 38.49 -19.24
N PHE D 410 31.63 38.00 -18.62
CA PHE D 410 32.33 38.74 -17.57
C PHE D 410 33.82 38.87 -17.89
N PRO D 411 34.19 39.43 -19.06
CA PRO D 411 35.60 39.51 -19.44
C PRO D 411 36.45 40.36 -18.51
N GLU D 412 35.86 41.44 -17.98
CA GLU D 412 36.57 42.36 -17.10
C GLU D 412 37.04 41.63 -15.84
N GLU D 413 36.23 40.72 -15.30
CA GLU D 413 36.64 39.99 -14.10
C GLU D 413 37.79 39.03 -14.40
N TRP D 414 37.67 38.29 -15.50
CA TRP D 414 38.74 37.40 -15.90
C TRP D 414 40.04 38.16 -16.13
N GLU D 415 39.95 39.34 -16.77
CA GLU D 415 41.12 40.10 -17.16
C GLU D 415 41.93 40.51 -15.92
N LYS D 416 41.25 40.84 -14.81
CA LYS D 416 41.90 41.18 -13.56
C LYS D 416 42.74 40.00 -13.02
N TYR D 417 42.35 38.76 -13.32
CA TYR D 417 43.13 37.61 -12.91
C TYR D 417 44.36 37.42 -13.79
N ARG D 418 44.26 37.79 -15.07
CA ARG D 418 45.37 37.64 -16.02
C ARG D 418 46.47 38.69 -15.77
N LYS D 419 46.08 39.91 -15.41
CA LYS D 419 47.02 41.02 -15.29
C LYS D 419 47.96 40.80 -14.08
FE1 FES E . -18.97 -1.72 9.54
FE2 FES E . -18.11 -4.14 10.36
S1 FES E . -18.10 -3.34 8.31
S2 FES E . -18.83 -2.45 11.61
S SO4 F . -40.03 -5.22 2.55
O1 SO4 F . -40.08 -6.45 1.78
O2 SO4 F . -41.27 -5.08 3.27
O3 SO4 F . -38.95 -5.30 3.50
O4 SO4 F . -39.82 -4.09 1.66
S SO4 G . -39.41 -33.39 -1.51
O1 SO4 G . -40.20 -32.26 -1.89
O2 SO4 G . -40.17 -34.60 -1.72
O3 SO4 G . -38.23 -33.42 -2.34
O4 SO4 G . -39.04 -33.30 -0.12
FE1 SF4 H . -32.68 -17.07 18.91
FE2 SF4 H . -35.20 -17.05 19.98
FE3 SF4 H . -34.80 -16.01 17.51
FE4 SF4 H . -33.84 -14.71 19.76
S1 SF4 H . -36.02 -15.02 19.16
S2 SF4 H . -32.74 -15.01 17.80
S3 SF4 H . -33.26 -16.50 21.07
S4 SF4 H . -34.52 -18.22 18.17
N1 FMN I . -20.89 -19.77 12.96
C2 FMN I . -20.22 -19.50 11.80
O2 FMN I . -19.45 -20.33 11.30
N3 FMN I . -20.51 -18.31 11.19
C4 FMN I . -21.43 -17.36 11.62
O4 FMN I . -21.60 -16.35 10.94
C4A FMN I . -22.11 -17.72 12.83
N5 FMN I . -23.10 -16.91 13.30
C5A FMN I . -23.85 -17.28 14.43
C6 FMN I . -24.89 -16.46 14.88
C7 FMN I . -25.63 -16.81 16.00
C7M FMN I . -26.74 -15.90 16.47
C8 FMN I . -25.32 -17.99 16.70
C8M FMN I . -26.02 -18.35 17.98
C9 FMN I . -24.29 -18.81 16.24
C9A FMN I . -23.56 -18.47 15.12
N10 FMN I . -22.50 -19.30 14.63
C10 FMN I . -21.82 -18.91 13.49
C1' FMN I . -22.18 -20.57 15.31
C2' FMN I . -22.84 -21.74 14.56
O2' FMN I . -24.16 -21.94 15.05
C3' FMN I . -22.02 -23.02 14.72
O3' FMN I . -21.63 -23.26 16.06
C4' FMN I . -20.77 -23.12 13.83
O4' FMN I . -21.01 -22.75 12.47
C5' FMN I . -20.21 -24.52 13.90
O5' FMN I . -18.96 -24.64 13.17
P FMN I . -17.60 -24.73 14.03
O1P FMN I . -17.76 -25.90 14.98
O2P FMN I . -16.57 -24.97 12.94
O3P FMN I . -17.42 -23.40 14.74
PA NAI J . -23.06 -24.40 20.50
O1A NAI J . -22.31 -24.40 21.77
O2A NAI J . -24.50 -24.84 20.62
O5B NAI J . -22.49 -25.25 19.24
C5B NAI J . -21.16 -25.80 19.07
C4B NAI J . -21.13 -26.70 17.88
O4B NAI J . -21.00 -28.06 18.37
C3B NAI J . -22.37 -26.73 17.00
O3B NAI J . -22.06 -27.22 15.70
C2B NAI J . -23.25 -27.74 17.73
O2B NAI J . -24.16 -28.43 16.88
C1B NAI J . -22.20 -28.78 18.18
N9A NAI J . -22.53 -29.47 19.42
C8A NAI J . -22.57 -28.97 20.69
N7A NAI J . -22.87 -29.85 21.62
C5A NAI J . -23.02 -31.03 20.90
C6A NAI J . -23.33 -32.34 21.29
N6A NAI J . -23.52 -32.72 22.56
N1A NAI J . -23.41 -33.29 20.32
C2A NAI J . -23.18 -32.92 19.06
N3A NAI J . -22.88 -31.72 18.57
C4A NAI J . -22.82 -30.81 19.54
O3 NAI J . -23.04 -22.92 19.90
PN NAI J . -23.94 -22.01 18.94
O1N NAI J . -25.14 -21.57 19.76
O2N NAI J . -24.27 -22.62 17.65
O5D NAI J . -22.86 -20.74 18.75
C5D NAI J . -22.49 -19.59 19.55
C4D NAI J . -21.43 -18.80 18.80
C1 GOL K . 2.61 -12.81 -4.88
O1 GOL K . 3.29 -13.56 -5.87
C2 GOL K . 2.70 -11.32 -5.18
O2 GOL K . 2.45 -10.53 -4.02
C3 GOL K . 1.73 -10.89 -6.23
O3 GOL K . 0.60 -10.25 -5.65
NA NA L . -27.08 -13.91 6.22
NA NA M . -1.30 -43.91 9.65
FE1 FES N . 26.04 21.98 -1.68
FE2 FES N . 24.18 21.60 -3.60
S1 FES N . 24.15 20.83 -1.51
S2 FES N . 26.01 22.86 -3.70
S SO4 O . 21.71 -14.08 -16.50
O1 SO4 O . 21.94 -12.84 -17.20
O2 SO4 O . 21.78 -15.17 -17.43
O3 SO4 O . 22.71 -14.26 -15.47
O4 SO4 O . 20.41 -14.04 -15.87
S SO4 P . 39.07 3.51 -2.39
O1 SO4 P . 38.13 2.43 -2.59
O2 SO4 P . 39.27 3.74 -0.97
O3 SO4 P . 40.33 3.16 -3.02
O4 SO4 P . 38.57 4.72 -3.01
NA NA Q . 14.83 26.31 1.98
FE1 SF4 R . 32.88 10.15 -22.17
FE2 SF4 R . 32.50 9.51 -19.56
FE3 SF4 R . 30.58 10.97 -20.86
FE4 SF4 R . 33.02 12.12 -20.30
S1 SF4 R . 31.50 11.39 -18.78
S2 SF4 R . 31.86 12.24 -22.28
S3 SF4 R . 34.43 10.34 -20.48
S4 SF4 R . 31.20 8.82 -21.36
N1 FMN S . 18.27 12.79 -15.65
C2 FMN S . 17.61 12.64 -14.46
O2 FMN S . 16.43 12.29 -14.41
N3 FMN S . 18.36 12.81 -13.32
C4 FMN S . 19.72 13.04 -13.25
O4 FMN S . 20.32 13.07 -12.14
C4A FMN S . 20.34 13.14 -14.53
N5 FMN S . 21.69 13.28 -14.60
C5A FMN S . 22.36 13.27 -15.83
C6 FMN S . 23.73 13.43 -15.85
C7 FMN S . 24.42 13.48 -17.06
C7M FMN S . 25.91 13.63 -17.06
C8 FMN S . 23.69 13.38 -18.27
C8M FMN S . 24.39 13.51 -19.60
C9 FMN S . 22.31 13.23 -18.23
C9A FMN S . 21.63 13.17 -17.02
N10 FMN S . 20.21 13.06 -16.94
C10 FMN S . 19.61 13.02 -15.70
C1' FMN S . 19.40 12.93 -18.16
C2' FMN S . 19.09 11.47 -18.42
O2' FMN S . 20.14 10.91 -19.22
C3' FMN S . 17.76 11.32 -19.18
O3' FMN S . 17.65 12.27 -20.24
C4' FMN S . 16.50 11.46 -18.32
O4' FMN S . 16.60 10.74 -17.10
C5' FMN S . 15.30 10.99 -19.11
O5' FMN S . 14.10 11.29 -18.36
P FMN S . 13.14 12.49 -18.88
O1P FMN S . 12.86 12.31 -20.36
O2P FMN S . 11.89 12.31 -18.03
O3P FMN S . 13.83 13.79 -18.58
S1 MPO T . 15.72 7.18 -25.12
O1 MPO T . 14.78 7.65 -24.14
O2 MPO T . 16.96 7.90 -25.27
O4 MPO T . 16.21 8.93 -32.20
N1 MPO T . 15.16 8.31 -29.63
C1 MPO T . 14.90 7.20 -26.68
O3 MPO T . 16.01 5.66 -25.01
C2 MPO T . 14.64 8.59 -27.21
C3 MPO T . 14.10 8.46 -28.64
C4 MPO T . 15.69 9.64 -29.94
C5 MPO T . 16.72 9.55 -31.04
C6 MPO T . 15.76 7.62 -31.89
C7 MPO T . 14.68 7.65 -30.85
C1 GOL U . -0.27 19.30 7.25
O1 GOL U . -1.34 19.74 6.43
C2 GOL U . 0.10 20.33 8.29
O2 GOL U . 0.82 21.41 7.73
C3 GOL U . 0.94 19.77 9.39
O3 GOL U . 2.26 19.51 8.94
S SO4 V . 3.06 -5.39 -27.25
O1 SO4 V . 1.74 -5.95 -27.25
O2 SO4 V . 3.08 -4.18 -26.47
O3 SO4 V . 3.99 -6.33 -26.68
O4 SO4 V . 3.45 -5.10 -28.60
NA NA W . 24.77 8.46 -8.26
NA NA X . 12.69 16.79 1.35
NA NA Y . -9.24 8.01 -25.04
NA NA Z . 11.71 25.98 5.09
#